data_6X4I
#
_entry.id   6X4I
#
_cell.length_a   150.940
_cell.length_b   150.940
_cell.length_c   111.858
_cell.angle_alpha   90.000
_cell.angle_beta   90.000
_cell.angle_gamma   120.000
#
_symmetry.space_group_name_H-M   'P 63'
#
loop_
_entity.id
_entity.type
_entity.pdbx_description
1 polymer 'Uridylate-specific endoribonuclease'
2 non-polymer "3'-URIDINEMONOPHOSPHATE"
3 non-polymer 1,2-ETHANEDIOL
4 non-polymer 'SODIUM ION'
5 water water
#
_entity_poly.entity_id   1
_entity_poly.type   'polypeptide(L)'
_entity_poly.pdbx_seq_one_letter_code
;MHHHHHHSSGVDLGTENLYFQSNMSLENVAFNVVNKGHFDGQQGEVPVSIINNTVYTKVDGVDVELFENKTTLPVNVAFE
LWAKRNIKPVPEVKILNNLGVDIAANTVIWDYKRDAPAHISTIGVCSMTDIAKKPTETICAPLTVFFDGRVDGQVDLFRN
ARNGVLITEGSVKGLQPSVGPKQASLNGVTLIGEAVKTQFNYYKKVDGVVQQLPETYFTQSRNLQEFKPRSQMEIDFLEL
AMDEFIERYKLEGYAFEHIVYGDFSHSQLGGLHLLIGLAKRFKESPFELEDFIPMDSTVKNYFITDAQTGSSKCVCSVID
LLLDDFVEIIKSQDLSVVSKVVKVTIDYTEISFMLWCKDGHVETFYPKLQ
;
_entity_poly.pdbx_strand_id   A,B
#
# COMPACT_ATOMS: atom_id res chain seq x y z
N ASN A 23 -0.02 -10.98 18.91
N ASN A 23 4.12 -8.03 18.14
CA ASN A 23 0.44 -10.56 17.59
CA ASN A 23 3.71 -6.79 18.78
C ASN A 23 0.60 -9.04 17.51
C ASN A 23 2.64 -7.04 19.81
N MET A 24 -0.36 -8.31 18.07
N MET A 24 1.56 -7.70 19.35
CA MET A 24 -0.39 -6.86 17.95
CA MET A 24 0.38 -7.99 20.15
C MET A 24 -0.82 -6.23 19.26
C MET A 24 -0.42 -6.72 20.46
N SER A 25 -0.10 -5.19 19.66
N SER A 25 0.26 -5.58 20.62
CA SER A 25 -0.42 -4.40 20.85
CA SER A 25 -0.44 -4.36 21.01
C SER A 25 0.43 -3.14 20.90
C SER A 25 0.47 -3.15 20.80
N LEU A 26 -0.18 -1.99 20.63
CA LEU A 26 0.55 -0.73 20.64
C LEU A 26 1.24 -0.49 21.98
N GLU A 27 0.51 -0.75 23.08
CA GLU A 27 1.08 -0.52 24.41
C GLU A 27 2.20 -1.50 24.72
N ASN A 28 2.17 -2.69 24.14
CA ASN A 28 3.27 -3.64 24.35
C ASN A 28 4.49 -3.27 23.52
N VAL A 29 4.29 -2.74 22.31
CA VAL A 29 5.42 -2.21 21.54
C VAL A 29 6.12 -1.11 22.32
N ALA A 30 5.33 -0.19 22.88
CA ALA A 30 5.91 0.91 23.63
C ALA A 30 6.62 0.42 24.89
N PHE A 31 6.08 -0.61 25.54
CA PHE A 31 6.76 -1.18 26.70
C PHE A 31 8.14 -1.71 26.32
N ASN A 32 8.24 -2.41 25.19
CA ASN A 32 9.52 -2.94 24.75
C ASN A 32 10.50 -1.82 24.42
N VAL A 33 10.02 -0.76 23.76
CA VAL A 33 10.88 0.37 23.45
C VAL A 33 11.43 0.99 24.72
N VAL A 34 10.55 1.24 25.70
CA VAL A 34 10.97 1.90 26.93
C VAL A 34 11.95 1.02 27.71
N ASN A 35 11.69 -0.29 27.76
CA ASN A 35 12.45 -1.15 28.65
C ASN A 35 13.62 -1.85 27.96
N LYS A 36 13.57 -2.05 26.65
CA LYS A 36 14.60 -2.79 25.95
C LYS A 36 15.26 -2.00 24.82
N GLY A 37 14.85 -0.77 24.57
CA GLY A 37 15.41 0.04 23.50
C GLY A 37 14.92 -0.30 22.11
N HIS A 38 14.13 -1.36 21.96
CA HIS A 38 13.56 -1.79 20.69
C HIS A 38 12.59 -2.93 21.03
N PHE A 39 11.91 -3.45 20.01
CA PHE A 39 11.02 -4.57 20.26
C PHE A 39 11.83 -5.83 20.52
N ASP A 40 11.57 -6.45 21.68
CA ASP A 40 12.34 -7.61 22.13
C ASP A 40 11.43 -8.76 22.56
N GLY A 41 10.15 -8.72 22.21
CA GLY A 41 9.24 -9.80 22.53
C GLY A 41 8.93 -9.95 24.00
N GLN A 42 9.09 -8.90 24.80
CA GLN A 42 8.80 -8.96 26.23
C GLN A 42 7.34 -8.63 26.50
N GLN A 43 6.81 -9.25 27.55
CA GLN A 43 5.44 -8.96 27.98
C GLN A 43 5.42 -7.69 28.82
N GLY A 44 4.35 -6.93 28.69
CA GLY A 44 4.19 -5.70 29.44
C GLY A 44 3.48 -4.65 28.63
N GLU A 45 3.08 -3.58 29.32
CA GLU A 45 2.35 -2.48 28.71
C GLU A 45 2.69 -1.19 29.43
N VAL A 46 2.71 -0.10 28.68
CA VAL A 46 2.80 1.25 29.25
C VAL A 46 1.71 2.11 28.63
N PRO A 47 1.29 3.17 29.32
CA PRO A 47 0.27 4.06 28.75
C PRO A 47 0.84 4.88 27.59
N VAL A 48 0.05 5.00 26.53
CA VAL A 48 0.49 5.61 25.28
C VAL A 48 -0.49 6.71 24.87
N SER A 49 0.05 7.84 24.42
CA SER A 49 -0.72 8.88 23.76
C SER A 49 -0.24 9.04 22.32
N ILE A 50 -1.17 9.18 21.40
CA ILE A 50 -0.86 9.48 20.00
C ILE A 50 -1.44 10.83 19.66
N ILE A 51 -0.58 11.78 19.31
N ILE A 51 -0.56 11.79 19.36
CA ILE A 51 -1.02 13.13 18.93
CA ILE A 51 -0.91 13.13 18.92
C ILE A 51 -0.38 13.47 17.60
C ILE A 51 0.11 13.59 17.90
N ASN A 52 -1.20 13.74 16.59
N ASN A 52 -0.35 14.37 16.92
CA ASN A 52 -0.72 13.97 15.23
CA ASN A 52 0.53 15.11 16.00
C ASN A 52 0.13 12.78 14.78
C ASN A 52 1.52 14.18 15.30
N ASN A 53 1.44 12.99 14.63
N ASN A 53 1.01 13.04 14.83
CA ASN A 53 2.34 11.95 14.16
CA ASN A 53 1.83 12.06 14.10
C ASN A 53 3.40 11.61 15.20
C ASN A 53 3.00 11.55 14.95
N THR A 54 3.07 11.73 16.48
N THR A 54 2.85 11.59 16.27
CA THR A 54 4.03 11.50 17.55
CA THR A 54 3.90 11.17 17.19
C THR A 54 3.44 10.57 18.60
C THR A 54 3.32 10.27 18.28
N VAL A 55 4.20 9.55 18.95
CA VAL A 55 3.83 8.60 20.01
C VAL A 55 4.48 9.03 21.31
N TYR A 56 3.67 9.17 22.36
CA TYR A 56 4.14 9.52 23.69
C TYR A 56 3.82 8.39 24.66
N THR A 57 4.57 8.35 25.77
CA THR A 57 4.22 7.49 26.89
C THR A 57 4.27 8.32 28.17
N LYS A 58 3.45 7.94 29.14
CA LYS A 58 3.36 8.67 30.40
C LYS A 58 4.41 8.12 31.36
N VAL A 59 5.30 8.99 31.84
CA VAL A 59 6.32 8.62 32.81
C VAL A 59 6.14 9.52 34.02
N ASP A 60 5.62 8.95 35.10
CA ASP A 60 5.42 9.67 36.36
C ASP A 60 4.63 10.96 36.16
N GLY A 61 3.51 10.85 35.45
CA GLY A 61 2.56 11.93 35.35
C GLY A 61 2.74 12.85 34.15
N VAL A 62 3.83 12.74 33.40
CA VAL A 62 4.06 13.61 32.25
C VAL A 62 4.34 12.75 31.02
N ASP A 63 4.13 13.35 29.86
CA ASP A 63 4.26 12.66 28.58
C ASP A 63 5.67 12.82 28.04
N VAL A 64 6.24 11.70 27.57
CA VAL A 64 7.58 11.66 27.00
C VAL A 64 7.47 11.14 25.58
N GLU A 65 8.10 11.84 24.63
CA GLU A 65 8.03 11.43 23.23
C GLU A 65 8.87 10.17 22.99
N LEU A 66 8.26 9.17 22.36
CA LEU A 66 8.96 7.95 21.98
C LEU A 66 9.30 7.88 20.50
N PHE A 67 8.50 8.50 19.64
CA PHE A 67 8.65 8.30 18.21
C PHE A 67 7.91 9.39 17.46
N GLU A 68 8.60 10.03 16.51
CA GLU A 68 7.98 10.97 15.59
C GLU A 68 7.94 10.31 14.21
N ASN A 69 6.73 10.14 13.68
CA ASN A 69 6.55 9.49 12.40
C ASN A 69 6.98 10.42 11.27
N LYS A 70 7.98 9.98 10.49
CA LYS A 70 8.40 10.69 9.28
C LYS A 70 7.99 9.94 8.02
N THR A 71 7.29 8.82 8.15
CA THR A 71 6.89 8.00 7.01
C THR A 71 5.54 8.46 6.47
N THR A 72 5.14 7.82 5.37
CA THR A 72 3.81 8.01 4.80
C THR A 72 2.82 6.97 5.32
N LEU A 73 3.21 6.14 6.29
CA LEU A 73 2.37 5.16 6.93
C LEU A 73 1.65 5.78 8.13
N PRO A 74 0.59 5.14 8.63
CA PRO A 74 -0.03 5.62 9.88
C PRO A 74 0.97 5.57 11.02
N VAL A 75 0.83 6.54 11.94
CA VAL A 75 1.84 6.75 12.98
C VAL A 75 2.05 5.48 13.81
N ASN A 76 0.97 4.81 14.21
CA ASN A 76 1.11 3.63 15.07
C ASN A 76 1.73 2.47 14.30
N VAL A 77 1.50 2.39 13.00
CA VAL A 77 2.09 1.31 12.19
C VAL A 77 3.59 1.56 12.00
N ALA A 78 3.96 2.80 11.67
CA ALA A 78 5.37 3.14 11.52
C ALA A 78 6.12 2.93 12.83
N PHE A 79 5.48 3.26 13.95
CA PHE A 79 6.09 3.05 15.26
C PHE A 79 6.46 1.59 15.47
N GLU A 80 5.55 0.67 15.12
CA GLU A 80 5.79 -0.75 15.31
C GLU A 80 6.89 -1.26 14.39
N LEU A 81 6.88 -0.82 13.12
CA LEU A 81 7.92 -1.26 12.19
C LEU A 81 9.30 -0.74 12.62
N TRP A 82 9.36 0.50 13.09
CA TRP A 82 10.61 1.03 13.62
C TRP A 82 11.08 0.24 14.83
N ALA A 83 10.18 -0.04 15.77
CA ALA A 83 10.56 -0.82 16.94
C ALA A 83 11.06 -2.21 16.57
N LYS A 84 10.56 -2.77 15.47
CA LYS A 84 10.92 -4.11 15.04
C LYS A 84 12.02 -4.11 13.98
N ARG A 85 12.76 -3.00 13.87
CA ARG A 85 13.83 -2.91 12.89
C ARG A 85 14.94 -3.91 13.20
N ASN A 86 15.65 -4.32 12.16
CA ASN A 86 16.80 -5.20 12.33
C ASN A 86 17.94 -4.42 12.99
N ILE A 87 18.44 -4.92 14.12
CA ILE A 87 19.50 -4.25 14.86
C ILE A 87 20.83 -4.97 14.72
N LYS A 88 20.95 -5.88 13.77
CA LYS A 88 22.23 -6.45 13.39
C LYS A 88 22.79 -5.66 12.21
N PRO A 89 24.07 -5.85 11.88
CA PRO A 89 24.57 -5.26 10.62
C PRO A 89 23.80 -5.83 9.45
N VAL A 90 23.30 -4.94 8.59
CA VAL A 90 22.53 -5.35 7.42
C VAL A 90 23.06 -4.63 6.21
N PRO A 91 22.83 -5.18 5.01
CA PRO A 91 23.25 -4.49 3.79
C PRO A 91 22.64 -3.10 3.71
N GLU A 92 23.42 -2.16 3.19
CA GLU A 92 22.90 -0.82 2.95
C GLU A 92 21.77 -0.88 1.93
N VAL A 93 20.80 0.03 2.09
CA VAL A 93 19.58 -0.01 1.28
C VAL A 93 19.91 0.07 -0.20
N LYS A 94 20.91 0.88 -0.57
CA LYS A 94 21.27 1.01 -1.98
C LYS A 94 21.66 -0.34 -2.58
N ILE A 95 22.30 -1.21 -1.80
CA ILE A 95 22.66 -2.54 -2.28
C ILE A 95 21.41 -3.38 -2.51
N LEU A 96 20.51 -3.42 -1.52
CA LEU A 96 19.28 -4.18 -1.66
C LEU A 96 18.45 -3.68 -2.83
N ASN A 97 18.34 -2.36 -2.99
CA ASN A 97 17.60 -1.81 -4.12
C ASN A 97 18.23 -2.22 -5.44
N ASN A 98 19.56 -2.14 -5.55
CA ASN A 98 20.24 -2.49 -6.79
C ASN A 98 20.07 -3.97 -7.13
N LEU A 99 19.95 -4.82 -6.11
CA LEU A 99 19.74 -6.25 -6.33
C LEU A 99 18.27 -6.60 -6.53
N GLY A 100 17.38 -5.61 -6.53
CA GLY A 100 15.98 -5.84 -6.80
C GLY A 100 15.17 -6.37 -5.65
N VAL A 101 15.66 -6.23 -4.41
CA VAL A 101 14.93 -6.75 -3.26
C VAL A 101 13.62 -6.00 -3.09
N ASP A 102 12.53 -6.75 -2.97
CA ASP A 102 11.20 -6.18 -2.79
C ASP A 102 10.74 -6.18 -1.33
N ILE A 103 11.22 -7.14 -0.53
CA ILE A 103 10.65 -7.40 0.78
C ILE A 103 11.65 -8.24 1.56
N ALA A 104 11.57 -8.20 2.89
CA ALA A 104 12.46 -8.95 3.75
C ALA A 104 11.70 -10.07 4.46
N ALA A 105 12.40 -11.17 4.70
CA ALA A 105 11.82 -12.33 5.37
C ALA A 105 11.91 -12.13 6.88
N ASN A 106 10.77 -11.84 7.51
CA ASN A 106 10.62 -11.89 8.96
C ASN A 106 11.54 -10.88 9.67
N THR A 107 11.75 -9.74 9.03
CA THR A 107 12.46 -8.64 9.67
C THR A 107 12.03 -7.34 8.98
N VAL A 108 12.51 -6.23 9.52
CA VAL A 108 12.31 -4.91 8.92
C VAL A 108 13.69 -4.30 8.70
N ILE A 109 14.00 -3.98 7.45
CA ILE A 109 15.18 -3.19 7.13
C ILE A 109 14.76 -1.72 7.21
N TRP A 110 15.21 -1.03 8.26
CA TRP A 110 14.86 0.38 8.41
C TRP A 110 15.79 1.23 7.57
N ASP A 111 15.21 2.12 6.77
CA ASP A 111 15.97 3.01 5.89
C ASP A 111 16.24 4.30 6.66
N TYR A 112 17.45 4.44 7.19
CA TYR A 112 17.77 5.61 8.00
C TYR A 112 17.98 6.86 7.14
N LYS A 113 18.21 6.70 5.83
CA LYS A 113 18.27 7.87 4.95
C LYS A 113 16.90 8.50 4.75
N ARG A 114 15.84 7.68 4.75
CA ARG A 114 14.47 8.15 4.57
C ARG A 114 13.67 8.20 5.87
N ASP A 115 14.24 7.73 6.99
CA ASP A 115 13.53 7.59 8.25
C ASP A 115 12.21 6.82 8.05
N ALA A 116 12.30 5.69 7.37
CA ALA A 116 11.12 4.94 6.98
C ALA A 116 11.52 3.50 6.69
N PRO A 117 10.58 2.56 6.70
CA PRO A 117 10.91 1.19 6.28
C PRO A 117 11.45 1.19 4.85
N ALA A 118 12.44 0.34 4.61
CA ALA A 118 13.00 0.24 3.26
C ALA A 118 12.02 -0.39 2.28
N HIS A 119 11.05 -1.17 2.77
CA HIS A 119 10.13 -1.88 1.91
C HIS A 119 8.70 -1.62 2.37
N ILE A 120 7.77 -1.67 1.40
CA ILE A 120 6.40 -1.28 1.67
C ILE A 120 5.70 -2.30 2.56
N SER A 121 5.92 -3.58 2.29
CA SER A 121 5.23 -4.66 2.97
C SER A 121 6.20 -5.48 3.81
N THR A 122 5.64 -6.37 4.63
CA THR A 122 6.43 -7.20 5.53
C THR A 122 5.95 -8.64 5.44
N ILE A 123 6.75 -9.54 6.01
CA ILE A 123 6.43 -10.96 6.12
C ILE A 123 6.60 -11.35 7.57
N GLY A 124 5.49 -11.66 8.25
CA GLY A 124 5.54 -12.10 9.63
C GLY A 124 6.07 -11.08 10.62
N VAL A 125 5.78 -9.79 10.42
CA VAL A 125 6.26 -8.72 11.29
C VAL A 125 5.11 -7.97 11.94
N CYS A 126 4.17 -7.48 11.13
CA CYS A 126 3.16 -6.52 11.59
C CYS A 126 1.84 -6.82 10.90
N SER A 127 0.77 -6.90 11.70
N SER A 127 0.77 -6.90 11.69
CA SER A 127 -0.53 -7.29 11.14
CA SER A 127 -0.53 -7.29 11.15
C SER A 127 -1.01 -6.30 10.09
C SER A 127 -1.09 -6.28 10.17
N MET A 128 -0.68 -5.01 10.24
CA MET A 128 -1.17 -4.02 9.29
C MET A 128 -0.42 -4.06 7.97
N THR A 129 0.84 -4.52 7.96
CA THR A 129 1.66 -4.49 6.75
C THR A 129 2.00 -5.87 6.21
N ASP A 130 1.76 -6.93 6.97
CA ASP A 130 2.09 -8.28 6.51
C ASP A 130 1.28 -8.63 5.27
N ILE A 131 1.95 -9.20 4.26
CA ILE A 131 1.25 -9.88 3.18
C ILE A 131 1.29 -11.39 3.37
N ALA A 132 2.05 -11.89 4.34
CA ALA A 132 2.19 -13.30 4.62
C ALA A 132 2.85 -13.44 5.98
N LYS A 133 2.69 -14.62 6.58
CA LYS A 133 3.41 -14.95 7.81
C LYS A 133 4.77 -15.57 7.54
N LYS A 134 4.90 -16.31 6.45
CA LYS A 134 6.14 -16.99 6.09
C LYS A 134 6.44 -16.74 4.61
N PRO A 135 7.72 -16.68 4.25
CA PRO A 135 8.06 -16.41 2.84
C PRO A 135 7.75 -17.57 1.90
N THR A 136 7.35 -18.72 2.42
CA THR A 136 6.95 -19.84 1.58
C THR A 136 5.53 -19.70 1.05
N GLU A 137 4.77 -18.71 1.50
CA GLU A 137 3.41 -18.53 1.02
C GLU A 137 3.41 -18.08 -0.43
N THR A 138 2.30 -18.37 -1.12
CA THR A 138 2.23 -18.18 -2.57
C THR A 138 2.46 -16.72 -2.97
N ILE A 139 1.95 -15.79 -2.17
CA ILE A 139 2.02 -14.37 -2.52
C ILE A 139 3.46 -13.88 -2.60
N CYS A 140 4.39 -14.58 -1.95
CA CYS A 140 5.79 -14.16 -1.95
C CYS A 140 6.60 -14.73 -3.11
N ALA A 141 6.06 -15.70 -3.85
CA ALA A 141 6.83 -16.34 -4.91
C ALA A 141 7.32 -15.36 -5.98
N PRO A 142 6.51 -14.46 -6.53
CA PRO A 142 7.04 -13.54 -7.54
C PRO A 142 7.93 -12.43 -6.98
N LEU A 143 7.98 -12.26 -5.67
CA LEU A 143 8.74 -11.17 -5.06
C LEU A 143 10.16 -11.63 -4.76
N THR A 144 11.11 -10.70 -4.90
CA THR A 144 12.49 -10.96 -4.52
C THR A 144 12.63 -10.73 -3.02
N VAL A 145 12.65 -11.83 -2.27
CA VAL A 145 12.68 -11.80 -0.81
C VAL A 145 14.13 -11.80 -0.33
N PHE A 146 14.42 -10.94 0.66
CA PHE A 146 15.73 -10.90 1.28
C PHE A 146 15.81 -11.93 2.40
N PHE A 147 16.81 -12.80 2.33
CA PHE A 147 17.03 -13.85 3.33
C PHE A 147 18.37 -13.60 4.01
N ASP A 148 18.43 -13.88 5.31
CA ASP A 148 19.59 -13.62 6.14
C ASP A 148 20.10 -14.96 6.68
N GLY A 149 21.22 -15.44 6.13
CA GLY A 149 21.77 -16.72 6.53
C GLY A 149 22.20 -16.79 7.98
N ARG A 150 22.33 -15.64 8.66
CA ARG A 150 22.63 -15.65 10.08
C ARG A 150 21.44 -16.07 10.93
N VAL A 151 20.25 -16.17 10.34
CA VAL A 151 19.05 -16.61 11.04
C VAL A 151 18.79 -18.07 10.68
N ASP A 152 18.54 -18.89 11.69
CA ASP A 152 18.31 -20.32 11.46
C ASP A 152 17.20 -20.54 10.44
N GLY A 153 17.49 -21.39 9.45
CA GLY A 153 16.50 -21.81 8.49
C GLY A 153 16.37 -20.94 7.26
N GLN A 154 16.98 -19.75 7.23
CA GLN A 154 16.75 -18.84 6.11
C GLN A 154 17.55 -19.25 4.87
N VAL A 155 18.69 -19.92 5.02
CA VAL A 155 19.40 -20.45 3.87
C VAL A 155 18.54 -21.48 3.15
N ASP A 156 17.90 -22.37 3.91
CA ASP A 156 17.02 -23.37 3.32
C ASP A 156 15.80 -22.73 2.68
N LEU A 157 15.27 -21.66 3.28
CA LEU A 157 14.16 -20.94 2.68
C LEU A 157 14.57 -20.32 1.34
N PHE A 158 15.79 -19.79 1.27
CA PHE A 158 16.30 -19.28 0.01
C PHE A 158 16.42 -20.39 -1.04
N ARG A 159 16.90 -21.57 -0.63
CA ARG A 159 17.03 -22.68 -1.56
C ARG A 159 15.69 -23.07 -2.17
N ASN A 160 14.60 -22.93 -1.41
CA ASN A 160 13.27 -23.28 -1.89
C ASN A 160 12.51 -22.11 -2.49
N ALA A 161 13.02 -20.88 -2.33
CA ALA A 161 12.31 -19.71 -2.81
C ALA A 161 12.53 -19.52 -4.31
N ARG A 162 11.51 -18.99 -4.97
CA ARG A 162 11.60 -18.75 -6.41
C ARG A 162 12.48 -17.54 -6.73
N ASN A 163 12.27 -16.44 -6.01
CA ASN A 163 13.03 -15.22 -6.20
C ASN A 163 13.54 -14.75 -4.85
N GLY A 164 14.82 -14.43 -4.76
CA GLY A 164 15.37 -14.03 -3.48
C GLY A 164 16.80 -13.56 -3.57
N VAL A 165 17.22 -12.88 -2.52
CA VAL A 165 18.62 -12.51 -2.30
C VAL A 165 19.00 -12.99 -0.92
N LEU A 166 20.15 -13.66 -0.82
CA LEU A 166 20.62 -14.24 0.43
C LEU A 166 21.98 -13.66 0.78
N ILE A 167 22.19 -13.33 2.05
CA ILE A 167 23.50 -12.98 2.56
C ILE A 167 23.91 -14.05 3.57
N THR A 168 25.21 -14.36 3.59
CA THR A 168 25.77 -15.28 4.57
C THR A 168 27.11 -14.73 5.03
N GLU A 169 27.56 -15.23 6.17
CA GLU A 169 28.91 -14.93 6.64
C GLU A 169 29.94 -15.93 6.14
N GLY A 170 29.51 -17.08 5.64
CA GLY A 170 30.41 -18.12 5.19
C GLY A 170 29.92 -18.87 3.98
N SER A 171 30.52 -20.03 3.71
CA SER A 171 30.20 -20.77 2.50
C SER A 171 28.83 -21.42 2.59
N VAL A 172 28.17 -21.53 1.43
CA VAL A 172 26.92 -22.27 1.28
C VAL A 172 27.20 -23.43 0.34
N LYS A 173 26.86 -24.64 0.77
CA LYS A 173 27.18 -25.83 0.00
C LYS A 173 26.46 -25.79 -1.35
N GLY A 174 27.24 -25.92 -2.42
CA GLY A 174 26.68 -25.99 -3.76
C GLY A 174 26.40 -24.64 -4.42
N LEU A 175 26.74 -23.53 -3.77
CA LEU A 175 26.47 -22.20 -4.30
C LEU A 175 27.77 -21.40 -4.32
N GLN A 176 28.06 -20.78 -5.45
CA GLN A 176 29.23 -19.91 -5.52
C GLN A 176 28.86 -18.52 -5.04
N PRO A 177 29.65 -17.93 -4.15
CA PRO A 177 29.29 -16.63 -3.58
C PRO A 177 29.82 -15.45 -4.39
N SER A 178 29.21 -14.30 -4.16
CA SER A 178 29.73 -13.01 -4.59
C SER A 178 30.12 -12.24 -3.34
N VAL A 179 31.40 -11.86 -3.24
CA VAL A 179 31.87 -11.12 -2.08
C VAL A 179 31.32 -9.71 -2.15
N GLY A 180 30.58 -9.32 -1.11
CA GLY A 180 29.95 -8.02 -1.08
C GLY A 180 30.87 -6.93 -0.57
N PRO A 181 30.33 -5.75 -0.33
CA PRO A 181 31.15 -4.66 0.22
C PRO A 181 31.65 -4.98 1.61
N LYS A 182 32.72 -4.28 1.99
CA LYS A 182 33.28 -4.47 3.33
C LYS A 182 32.37 -3.90 4.41
N GLN A 183 31.60 -2.88 4.08
CA GLN A 183 30.81 -2.15 5.07
C GLN A 183 29.35 -2.62 5.07
N ALA A 184 28.69 -2.38 6.20
CA ALA A 184 27.26 -2.64 6.34
C ALA A 184 26.69 -1.60 7.30
N SER A 185 25.37 -1.60 7.43
CA SER A 185 24.67 -0.61 8.24
C SER A 185 24.24 -1.25 9.56
N LEU A 186 24.64 -0.64 10.67
CA LEU A 186 24.27 -1.08 12.01
C LEU A 186 23.58 0.07 12.72
N ASN A 187 22.26 -0.04 12.88
CA ASN A 187 21.44 1.00 13.51
C ASN A 187 21.68 2.36 12.85
N GLY A 188 21.77 2.35 11.52
CA GLY A 188 21.99 3.57 10.78
C GLY A 188 23.42 4.04 10.67
N VAL A 189 24.36 3.33 11.29
CA VAL A 189 25.78 3.67 11.22
C VAL A 189 26.43 2.73 10.22
N THR A 190 26.92 3.27 9.11
CA THR A 190 27.64 2.47 8.14
C THR A 190 29.08 2.31 8.59
N LEU A 191 29.54 1.07 8.69
CA LEU A 191 30.85 0.80 9.26
C LEU A 191 31.40 -0.51 8.72
N ILE A 192 32.73 -0.62 8.79
CA ILE A 192 33.43 -1.86 8.51
C ILE A 192 33.68 -2.52 9.86
N GLY A 193 33.03 -3.66 10.09
CA GLY A 193 32.97 -4.22 11.43
C GLY A 193 34.31 -4.79 11.88
N GLU A 194 34.65 -4.52 13.13
CA GLU A 194 35.79 -5.13 13.79
C GLU A 194 35.39 -6.08 14.91
N ALA A 195 34.40 -5.72 15.71
CA ALA A 195 33.83 -6.64 16.68
C ALA A 195 32.67 -7.45 16.12
N VAL A 196 32.24 -7.15 14.90
CA VAL A 196 31.13 -7.84 14.27
C VAL A 196 31.44 -7.95 12.78
N LYS A 197 30.86 -8.95 12.12
CA LYS A 197 31.11 -9.20 10.71
C LYS A 197 30.16 -8.37 9.87
N THR A 198 30.71 -7.56 8.95
CA THR A 198 29.91 -6.76 8.05
C THR A 198 30.07 -7.10 6.57
N GLN A 199 31.05 -7.94 6.22
CA GLN A 199 31.24 -8.36 4.84
C GLN A 199 30.49 -9.67 4.62
N PHE A 200 29.53 -9.67 3.69
CA PHE A 200 28.68 -10.83 3.45
C PHE A 200 28.96 -11.43 2.09
N ASN A 201 28.69 -12.72 1.97
CA ASN A 201 28.53 -13.36 0.66
C ASN A 201 27.12 -13.10 0.16
N TYR A 202 26.99 -12.81 -1.14
CA TYR A 202 25.70 -12.54 -1.76
C TYR A 202 25.33 -13.63 -2.73
N TYR A 203 24.05 -14.00 -2.72
CA TYR A 203 23.49 -14.96 -3.67
C TYR A 203 22.14 -14.43 -4.12
N LYS A 204 21.79 -14.71 -5.38
CA LYS A 204 20.54 -14.24 -5.94
C LYS A 204 19.92 -15.32 -6.82
N LYS A 205 18.61 -15.48 -6.69
CA LYS A 205 17.84 -16.39 -7.53
C LYS A 205 16.74 -15.63 -8.24
N VAL A 206 16.54 -15.94 -9.52
CA VAL A 206 15.48 -15.36 -10.32
C VAL A 206 14.75 -16.50 -11.01
N ASP A 207 13.44 -16.58 -10.79
CA ASP A 207 12.59 -17.63 -11.38
C ASP A 207 13.16 -19.02 -11.07
N GLY A 208 13.63 -19.21 -9.84
CA GLY A 208 14.14 -20.48 -9.41
C GLY A 208 15.54 -20.83 -9.88
N VAL A 209 16.23 -19.91 -10.55
CA VAL A 209 17.55 -20.17 -11.12
C VAL A 209 18.57 -19.29 -10.38
N VAL A 210 19.60 -19.94 -9.82
CA VAL A 210 20.67 -19.20 -9.16
C VAL A 210 21.43 -18.38 -10.20
N GLN A 211 21.59 -17.09 -9.91
CA GLN A 211 22.24 -16.17 -10.84
C GLN A 211 23.73 -16.08 -10.57
N GLN A 212 24.49 -15.79 -11.63
CA GLN A 212 25.87 -15.38 -11.50
C GLN A 212 25.89 -13.86 -11.36
N LEU A 213 26.23 -13.36 -10.18
CA LEU A 213 26.27 -11.93 -9.97
C LEU A 213 27.50 -11.35 -10.68
N PRO A 214 27.38 -10.18 -11.30
CA PRO A 214 28.48 -9.66 -12.11
C PRO A 214 29.62 -9.13 -11.25
N GLU A 215 30.81 -9.08 -11.87
CA GLU A 215 31.90 -8.29 -11.33
C GLU A 215 31.43 -6.87 -11.08
N THR A 216 31.83 -6.30 -9.94
CA THR A 216 31.33 -4.97 -9.61
C THR A 216 32.34 -4.24 -8.73
N TYR A 217 32.40 -2.93 -8.91
CA TYR A 217 32.99 -2.06 -7.91
C TYR A 217 31.96 -1.81 -6.80
N PHE A 218 32.42 -1.28 -5.69
CA PHE A 218 31.55 -0.90 -4.59
C PHE A 218 31.85 0.53 -4.17
N THR A 219 30.78 1.31 -3.93
CA THR A 219 30.98 2.60 -3.30
C THR A 219 31.39 2.40 -1.84
N GLN A 220 32.03 3.44 -1.29
CA GLN A 220 32.66 3.33 0.03
C GLN A 220 31.80 3.87 1.16
N SER A 221 30.68 4.55 0.85
CA SER A 221 29.69 4.96 1.84
C SER A 221 30.28 5.84 2.95
N ARG A 222 31.28 6.65 2.61
CA ARG A 222 31.85 7.57 3.57
C ARG A 222 31.07 8.88 3.56
N ASN A 223 31.36 9.74 4.53
CA ASN A 223 30.67 11.02 4.59
C ASN A 223 31.69 12.15 4.59
N LEU A 224 31.16 13.35 4.36
CA LEU A 224 32.00 14.50 4.00
C LEU A 224 32.92 14.90 5.14
N GLN A 225 32.42 14.88 6.38
CA GLN A 225 33.12 15.54 7.48
C GLN A 225 34.12 14.65 8.20
N GLU A 226 33.85 13.34 8.31
CA GLU A 226 34.84 12.45 8.92
C GLU A 226 35.36 11.47 7.88
N PHE A 227 35.71 11.98 6.71
CA PHE A 227 36.24 11.14 5.63
C PHE A 227 37.60 10.57 6.03
N LYS A 228 37.78 9.27 5.82
CA LYS A 228 39.04 8.62 6.13
C LYS A 228 39.56 7.88 4.90
N PRO A 229 40.82 8.09 4.53
CA PRO A 229 41.37 7.39 3.37
C PRO A 229 41.50 5.90 3.63
N ARG A 230 41.37 5.12 2.54
CA ARG A 230 41.45 3.67 2.63
C ARG A 230 42.50 3.11 1.68
N SER A 231 43.44 3.92 1.23
CA SER A 231 44.55 3.46 0.42
C SER A 231 45.65 4.52 0.47
N GLN A 232 46.84 4.14 0.03
CA GLN A 232 47.95 5.09 0.02
C GLN A 232 47.71 6.20 -0.99
N MET A 233 47.06 5.91 -2.12
CA MET A 233 46.72 6.95 -3.08
C MET A 233 45.79 7.98 -2.46
N GLU A 234 44.81 7.53 -1.67
CA GLU A 234 43.89 8.48 -1.04
C GLU A 234 44.60 9.31 0.02
N ILE A 235 45.51 8.69 0.78
CA ILE A 235 46.33 9.45 1.72
C ILE A 235 47.12 10.53 0.99
N ASP A 236 47.75 10.15 -0.13
CA ASP A 236 48.54 11.11 -0.90
C ASP A 236 47.65 12.21 -1.47
N PHE A 237 46.44 11.86 -1.91
CA PHE A 237 45.53 12.87 -2.43
C PHE A 237 45.20 13.93 -1.38
N LEU A 238 44.97 13.50 -0.14
CA LEU A 238 44.63 14.45 0.91
C LEU A 238 45.83 15.26 1.36
N GLU A 239 47.03 14.66 1.34
CA GLU A 239 48.21 15.33 1.86
C GLU A 239 48.91 16.20 0.82
N LEU A 240 49.10 15.69 -0.40
CA LEU A 240 49.87 16.41 -1.40
C LEU A 240 49.06 17.54 -2.03
N ALA A 241 49.78 18.47 -2.65
CA ALA A 241 49.13 19.48 -3.47
C ALA A 241 48.64 18.87 -4.78
N MET A 242 47.75 19.59 -5.45
CA MET A 242 47.11 19.05 -6.65
C MET A 242 48.13 18.65 -7.69
N ASP A 243 49.08 19.54 -8.00
CA ASP A 243 50.05 19.25 -9.06
C ASP A 243 51.02 18.15 -8.67
N GLU A 244 51.37 18.05 -7.38
CA GLU A 244 52.25 16.96 -6.94
C GLU A 244 51.57 15.62 -7.12
N PHE A 245 50.31 15.51 -6.68
CA PHE A 245 49.59 14.24 -6.77
C PHE A 245 49.43 13.79 -8.22
N ILE A 246 49.06 14.72 -9.10
CA ILE A 246 48.80 14.36 -10.49
C ILE A 246 50.08 13.88 -11.15
N GLU A 247 51.22 14.51 -10.85
CA GLU A 247 52.48 14.06 -11.43
C GLU A 247 52.89 12.69 -10.89
N ARG A 248 52.70 12.48 -9.57
CA ARG A 248 53.14 11.23 -8.96
C ARG A 248 52.42 10.03 -9.56
N TYR A 249 51.11 10.12 -9.75
CA TYR A 249 50.32 9.02 -10.28
C TYR A 249 50.07 9.15 -11.77
N LYS A 250 50.80 10.04 -12.46
CA LYS A 250 50.81 10.14 -13.92
C LYS A 250 49.40 10.33 -14.47
N LEU A 251 48.70 11.33 -13.95
CA LEU A 251 47.31 11.58 -14.31
C LEU A 251 47.14 12.76 -15.27
N GLU A 252 48.22 13.18 -15.93
CA GLU A 252 48.10 14.25 -16.91
C GLU A 252 47.18 13.82 -18.05
N GLY A 253 46.31 14.74 -18.47
CA GLY A 253 45.38 14.47 -19.54
C GLY A 253 44.06 13.83 -19.14
N TYR A 254 43.89 13.48 -17.86
CA TYR A 254 42.65 12.87 -17.39
C TYR A 254 41.72 13.85 -16.69
N ALA A 255 42.02 15.15 -16.77
CA ALA A 255 41.16 16.22 -16.22
C ALA A 255 40.85 16.03 -14.74
N PHE A 256 41.81 15.51 -13.96
CA PHE A 256 41.59 15.37 -12.52
C PHE A 256 41.42 16.72 -11.83
N GLU A 257 42.11 17.75 -12.34
N GLU A 257 42.07 17.76 -12.36
CA GLU A 257 41.92 19.10 -11.81
CA GLU A 257 41.92 19.10 -11.78
C GLU A 257 40.45 19.49 -11.83
C GLU A 257 40.48 19.58 -11.89
N HIS A 258 39.74 19.09 -12.88
CA HIS A 258 38.34 19.42 -13.06
C HIS A 258 37.44 18.41 -12.35
N ILE A 259 37.63 17.12 -12.63
CA ILE A 259 36.69 16.09 -12.19
C ILE A 259 36.74 15.90 -10.68
N VAL A 260 37.93 15.76 -10.13
CA VAL A 260 38.09 15.40 -8.71
C VAL A 260 38.29 16.63 -7.84
N TYR A 261 39.22 17.52 -8.21
CA TYR A 261 39.50 18.69 -7.39
C TYR A 261 38.41 19.75 -7.49
N GLY A 262 37.78 19.88 -8.66
CA GLY A 262 36.74 20.87 -8.86
C GLY A 262 37.26 22.20 -9.35
N ASP A 263 36.48 22.90 -10.17
CA ASP A 263 36.85 24.20 -10.72
C ASP A 263 35.88 25.23 -10.15
N PHE A 264 36.40 26.14 -9.32
CA PHE A 264 35.58 27.13 -8.63
C PHE A 264 35.78 28.54 -9.19
N SER A 265 36.28 28.65 -10.44
CA SER A 265 36.64 29.94 -11.00
C SER A 265 35.50 30.60 -11.76
N HIS A 266 34.50 29.84 -12.22
CA HIS A 266 33.37 30.37 -12.96
C HIS A 266 32.10 30.29 -12.12
N SER A 267 31.06 30.98 -12.60
CA SER A 267 29.79 31.00 -11.87
C SER A 267 29.22 29.60 -11.71
N GLN A 268 29.32 28.77 -12.76
N GLN A 268 29.34 28.77 -12.75
CA GLN A 268 28.95 27.36 -12.68
CA GLN A 268 28.92 27.37 -12.66
C GLN A 268 30.15 26.57 -12.17
C GLN A 268 30.11 26.53 -12.20
N LEU A 269 29.95 25.86 -11.07
CA LEU A 269 31.01 25.03 -10.51
C LEU A 269 31.32 23.87 -11.45
N GLY A 270 32.61 23.71 -11.78
CA GLY A 270 33.02 22.67 -12.71
C GLY A 270 33.46 21.40 -12.00
N GLY A 271 33.01 20.27 -12.52
CA GLY A 271 33.48 18.98 -12.02
C GLY A 271 33.03 18.70 -10.60
N LEU A 272 33.96 18.22 -9.78
CA LEU A 272 33.73 17.82 -8.39
C LEU A 272 32.73 16.68 -8.28
N HIS A 273 33.10 15.49 -8.79
CA HIS A 273 32.18 14.36 -8.82
C HIS A 273 32.60 13.21 -7.93
N LEU A 274 33.71 13.31 -7.22
N LEU A 274 33.72 13.31 -7.23
CA LEU A 274 34.19 12.26 -6.33
CA LEU A 274 34.22 12.29 -6.33
C LEU A 274 34.19 12.78 -4.90
C LEU A 274 34.15 12.80 -4.90
N LEU A 275 33.64 11.98 -3.99
CA LEU A 275 33.46 12.44 -2.60
C LEU A 275 34.79 12.89 -1.97
N ILE A 276 35.88 12.18 -2.25
CA ILE A 276 37.16 12.55 -1.65
C ILE A 276 37.57 13.96 -2.07
N GLY A 277 37.19 14.38 -3.27
CA GLY A 277 37.46 15.76 -3.67
C GLY A 277 36.64 16.76 -2.90
N LEU A 278 35.37 16.43 -2.64
CA LEU A 278 34.56 17.28 -1.77
C LEU A 278 35.11 17.30 -0.36
N ALA A 279 35.57 16.15 0.14
CA ALA A 279 36.12 16.11 1.49
C ALA A 279 37.37 16.97 1.62
N LYS A 280 38.24 16.94 0.62
CA LYS A 280 39.44 17.76 0.66
C LYS A 280 39.08 19.25 0.64
N ARG A 281 38.14 19.64 -0.22
CA ARG A 281 37.70 21.03 -0.27
C ARG A 281 37.06 21.45 1.04
N PHE A 282 36.28 20.57 1.65
CA PHE A 282 35.52 20.94 2.85
C PHE A 282 36.43 21.26 4.02
N LYS A 283 37.53 20.52 4.17
CA LYS A 283 38.48 20.81 5.24
C LYS A 283 39.13 22.17 5.07
N GLU A 284 39.25 22.64 3.84
CA GLU A 284 39.88 23.93 3.55
C GLU A 284 38.87 25.06 3.49
N SER A 285 37.67 24.80 2.98
CA SER A 285 36.69 25.84 2.74
C SER A 285 35.28 25.25 2.71
N PRO A 286 34.40 25.66 3.61
CA PRO A 286 33.08 25.03 3.70
C PRO A 286 32.17 25.42 2.54
N PHE A 287 31.20 24.55 2.27
CA PHE A 287 30.24 24.78 1.21
C PHE A 287 28.92 24.12 1.58
N GLU A 288 27.88 24.46 0.83
CA GLU A 288 26.53 23.96 1.06
C GLU A 288 26.23 22.83 0.08
N LEU A 289 25.72 21.71 0.60
CA LEU A 289 25.25 20.59 -0.22
C LEU A 289 23.77 20.39 0.08
N GLU A 290 22.92 20.70 -0.89
CA GLU A 290 21.48 20.46 -0.74
C GLU A 290 21.17 19.07 -1.31
N ASP A 291 20.75 18.16 -0.42
CA ASP A 291 20.41 16.79 -0.78
C ASP A 291 18.93 16.75 -1.13
N PHE A 292 18.61 17.15 -2.36
CA PHE A 292 17.21 17.39 -2.70
C PHE A 292 16.45 16.11 -3.03
N ILE A 293 17.11 14.98 -3.19
CA ILE A 293 16.45 13.68 -3.23
C ILE A 293 17.01 12.84 -2.08
N PRO A 294 16.53 13.03 -0.85
CA PRO A 294 17.17 12.38 0.30
C PRO A 294 16.85 10.89 0.41
N MET A 295 17.73 10.06 -0.15
CA MET A 295 17.56 8.62 -0.10
C MET A 295 18.93 7.98 -0.28
N ASP A 296 18.99 6.67 -0.07
CA ASP A 296 20.23 5.93 -0.25
C ASP A 296 20.34 5.50 -1.71
N SER A 297 21.42 5.91 -2.38
CA SER A 297 21.63 5.52 -3.76
C SER A 297 23.12 5.54 -4.08
N THR A 298 23.50 4.70 -5.05
CA THR A 298 24.90 4.59 -5.45
C THR A 298 25.46 5.93 -5.92
N VAL A 299 24.67 6.66 -6.71
CA VAL A 299 25.02 8.01 -7.14
C VAL A 299 24.11 8.99 -6.43
N LYS A 300 24.68 10.11 -5.97
CA LYS A 300 23.92 11.15 -5.30
C LYS A 300 24.01 12.44 -6.11
N ASN A 301 22.91 13.19 -6.17
CA ASN A 301 22.86 14.49 -6.81
C ASN A 301 22.70 15.56 -5.74
N TYR A 302 23.56 16.58 -5.79
CA TYR A 302 23.51 17.68 -4.83
C TYR A 302 23.44 19.01 -5.56
N PHE A 303 22.69 19.95 -4.98
CA PHE A 303 22.73 21.36 -5.36
C PHE A 303 23.80 22.00 -4.47
N ILE A 304 24.95 22.31 -5.05
CA ILE A 304 26.12 22.73 -4.30
C ILE A 304 26.34 24.23 -4.49
N THR A 305 26.66 24.92 -3.39
CA THR A 305 27.01 26.33 -3.40
C THR A 305 28.29 26.51 -2.60
N ASP A 306 29.35 26.96 -3.25
CA ASP A 306 30.62 27.16 -2.58
C ASP A 306 30.61 28.51 -1.86
N ALA A 307 30.85 28.49 -0.55
CA ALA A 307 30.68 29.70 0.25
C ALA A 307 31.81 30.69 0.01
N GLN A 308 33.01 30.22 -0.33
CA GLN A 308 34.14 31.12 -0.50
C GLN A 308 34.03 31.89 -1.81
N THR A 309 33.70 31.21 -2.90
CA THR A 309 33.75 31.81 -4.23
C THR A 309 32.40 32.20 -4.78
N GLY A 310 31.32 31.56 -4.35
CA GLY A 310 30.03 31.75 -4.97
C GLY A 310 29.79 30.88 -6.19
N SER A 311 30.75 30.04 -6.56
CA SER A 311 30.53 29.06 -7.61
C SER A 311 29.47 28.06 -7.16
N SER A 312 28.57 27.68 -8.08
CA SER A 312 27.47 26.80 -7.71
C SER A 312 27.05 25.94 -8.89
N LYS A 313 26.29 24.89 -8.59
CA LYS A 313 25.77 23.99 -9.63
C LYS A 313 24.53 23.29 -9.10
N CYS A 314 23.45 23.33 -9.90
CA CYS A 314 22.16 22.81 -9.45
C CYS A 314 22.19 21.29 -9.30
N VAL A 315 22.80 20.58 -10.24
CA VAL A 315 22.86 19.13 -10.22
C VAL A 315 24.32 18.75 -10.31
N CYS A 316 24.93 18.43 -9.16
CA CYS A 316 26.30 17.96 -9.10
C CYS A 316 26.27 16.50 -8.65
N SER A 317 26.54 15.60 -9.59
CA SER A 317 26.53 14.18 -9.27
C SER A 317 27.81 13.80 -8.56
N VAL A 318 27.67 13.03 -7.48
CA VAL A 318 28.79 12.66 -6.62
C VAL A 318 28.71 11.16 -6.34
N ILE A 319 29.84 10.48 -6.47
CA ILE A 319 29.96 9.08 -6.11
C ILE A 319 31.19 8.92 -5.21
N ASP A 320 31.09 8.02 -4.23
CA ASP A 320 32.23 7.74 -3.35
C ASP A 320 32.84 6.41 -3.76
N LEU A 321 33.71 6.47 -4.76
CA LEU A 321 34.54 5.34 -5.14
C LEU A 321 35.90 5.49 -4.49
N LEU A 322 36.51 4.37 -4.13
CA LEU A 322 37.92 4.38 -3.80
C LEU A 322 38.68 5.04 -4.94
N LEU A 323 39.56 5.98 -4.59
CA LEU A 323 40.26 6.75 -5.62
C LEU A 323 41.00 5.83 -6.58
N ASP A 324 41.57 4.75 -6.07
CA ASP A 324 42.26 3.79 -6.93
C ASP A 324 41.31 3.16 -7.94
N ASP A 325 40.08 2.85 -7.50
CA ASP A 325 39.09 2.30 -8.41
C ASP A 325 38.69 3.31 -9.48
N PHE A 326 38.47 4.57 -9.08
CA PHE A 326 38.10 5.59 -10.05
C PHE A 326 39.21 5.81 -11.08
N VAL A 327 40.47 5.76 -10.64
CA VAL A 327 41.59 5.90 -11.57
C VAL A 327 41.60 4.75 -12.55
N GLU A 328 41.39 3.52 -12.07
CA GLU A 328 41.34 2.37 -12.96
C GLU A 328 40.23 2.52 -13.99
N ILE A 329 39.07 3.03 -13.57
CA ILE A 329 37.94 3.17 -14.48
C ILE A 329 38.26 4.17 -15.59
N ILE A 330 38.70 5.38 -15.21
CA ILE A 330 38.90 6.41 -16.21
C ILE A 330 40.09 6.10 -17.11
N LYS A 331 41.09 5.38 -16.59
CA LYS A 331 42.22 4.96 -17.40
C LYS A 331 41.92 3.76 -18.28
N SER A 332 40.71 3.19 -18.19
CA SER A 332 40.32 2.05 -18.99
C SER A 332 39.33 2.41 -20.07
N GLN A 333 39.24 3.69 -20.44
CA GLN A 333 38.28 4.16 -21.42
C GLN A 333 38.98 4.64 -22.68
N ASP A 334 38.28 4.54 -23.80
CA ASP A 334 38.73 5.09 -25.08
C ASP A 334 38.33 6.57 -25.14
N LEU A 335 39.27 7.42 -25.53
CA LEU A 335 39.11 8.86 -25.45
C LEU A 335 39.03 9.52 -26.83
N SER A 336 38.51 8.80 -27.82
CA SER A 336 38.61 9.24 -29.21
C SER A 336 37.37 9.94 -29.73
N VAL A 337 36.28 10.02 -28.96
CA VAL A 337 35.09 10.72 -29.40
C VAL A 337 34.76 11.84 -28.42
N VAL A 338 33.96 12.79 -28.89
CA VAL A 338 33.67 13.99 -28.11
C VAL A 338 32.86 13.65 -26.87
N SER A 339 31.80 12.86 -27.02
CA SER A 339 30.96 12.50 -25.89
C SER A 339 30.34 11.13 -26.10
N LYS A 340 30.24 10.36 -25.02
CA LYS A 340 29.59 9.05 -25.07
C LYS A 340 29.26 8.61 -23.66
N VAL A 341 28.39 7.62 -23.55
CA VAL A 341 28.00 7.02 -22.29
C VAL A 341 28.90 5.83 -22.00
N VAL A 342 29.44 5.78 -20.79
CA VAL A 342 30.27 4.67 -20.32
C VAL A 342 29.49 3.95 -19.22
N LYS A 343 29.43 2.62 -19.29
CA LYS A 343 28.73 1.80 -18.32
C LYS A 343 29.74 1.18 -17.36
N VAL A 344 29.48 1.32 -16.06
CA VAL A 344 30.33 0.76 -15.01
C VAL A 344 29.46 0.05 -14.00
N THR A 345 29.76 -1.22 -13.74
CA THR A 345 29.04 -1.99 -12.73
C THR A 345 29.53 -1.57 -11.35
N ILE A 346 28.63 -0.96 -10.57
CA ILE A 346 28.95 -0.47 -9.24
C ILE A 346 27.79 -0.82 -8.33
N ASP A 347 28.09 -1.39 -7.16
CA ASP A 347 27.06 -1.83 -6.21
C ASP A 347 26.05 -2.75 -6.89
N TYR A 348 26.55 -3.60 -7.80
CA TYR A 348 25.83 -4.60 -8.57
C TYR A 348 24.93 -4.04 -9.66
N THR A 349 24.88 -2.72 -9.84
CA THR A 349 24.03 -2.13 -10.87
C THR A 349 24.89 -1.46 -11.94
N GLU A 350 24.29 -1.24 -13.11
CA GLU A 350 24.98 -0.60 -14.23
C GLU A 350 24.81 0.91 -14.12
N ILE A 351 25.88 1.60 -13.73
CA ILE A 351 25.86 3.06 -13.61
C ILE A 351 26.36 3.66 -14.92
N SER A 352 25.59 4.59 -15.47
CA SER A 352 25.98 5.30 -16.67
C SER A 352 26.82 6.52 -16.31
N PHE A 353 27.99 6.64 -16.93
CA PHE A 353 28.84 7.82 -16.84
C PHE A 353 28.83 8.55 -18.18
N MET A 354 28.86 9.87 -18.13
CA MET A 354 29.11 10.67 -19.32
C MET A 354 30.61 10.97 -19.41
N LEU A 355 31.20 10.68 -20.56
CA LEU A 355 32.61 10.93 -20.80
C LEU A 355 32.73 11.96 -21.93
N TRP A 356 33.33 13.11 -21.61
CA TRP A 356 33.56 14.17 -22.57
C TRP A 356 35.05 14.28 -22.82
N CYS A 357 35.44 14.23 -24.10
CA CYS A 357 36.83 14.27 -24.49
C CYS A 357 37.05 15.32 -25.58
N LYS A 358 38.29 15.78 -25.67
CA LYS A 358 38.69 16.71 -26.72
C LYS A 358 40.16 16.47 -27.05
N ASP A 359 40.44 16.22 -28.33
CA ASP A 359 41.81 16.05 -28.82
C ASP A 359 42.55 14.95 -28.06
N GLY A 360 41.84 13.88 -27.72
CA GLY A 360 42.46 12.72 -27.10
C GLY A 360 42.67 12.80 -25.60
N HIS A 361 42.24 13.88 -24.95
CA HIS A 361 42.31 13.97 -23.50
C HIS A 361 40.91 14.16 -22.93
N VAL A 362 40.77 13.85 -21.65
CA VAL A 362 39.47 13.97 -20.98
C VAL A 362 39.15 15.43 -20.73
N GLU A 363 37.89 15.80 -20.91
CA GLU A 363 37.35 17.07 -20.44
C GLU A 363 36.62 16.91 -19.12
N THR A 364 35.66 16.01 -19.05
CA THR A 364 35.04 15.66 -17.78
C THR A 364 34.50 14.23 -17.86
N PHE A 365 34.09 13.72 -16.70
CA PHE A 365 33.67 12.33 -16.55
C PHE A 365 32.84 12.30 -15.28
N TYR A 366 31.54 12.00 -15.39
CA TYR A 366 30.68 12.10 -14.23
C TYR A 366 29.60 11.04 -14.26
N PRO A 367 29.16 10.55 -13.11
CA PRO A 367 28.08 9.56 -13.06
C PRO A 367 26.72 10.22 -13.22
N LYS A 368 25.75 9.42 -13.63
CA LYS A 368 24.37 9.87 -13.80
C LYS A 368 23.48 9.12 -12.81
N LEU A 369 22.60 9.85 -12.13
CA LEU A 369 21.62 9.25 -11.24
C LEU A 369 20.39 8.88 -12.05
N GLN A 370 20.11 7.58 -12.12
CA GLN A 370 18.96 7.10 -12.89
C GLN A 370 18.29 5.92 -12.20
N ASN B 23 -0.38 12.15 -17.94
N ASN B 23 -0.27 15.12 -19.76
CA ASN B 23 -0.73 11.01 -17.10
CA ASN B 23 -0.61 16.32 -19.03
C ASN B 23 -1.15 11.45 -15.70
C ASN B 23 -1.49 16.00 -17.82
N MET B 24 -0.56 12.56 -15.23
N MET B 24 -1.33 14.78 -17.29
CA MET B 24 -0.83 13.03 -13.88
CA MET B 24 -2.03 14.41 -16.07
C MET B 24 -0.72 14.55 -13.85
C MET B 24 -1.48 15.20 -14.89
N SER B 25 -1.70 15.18 -13.18
N SER B 25 -2.37 15.78 -14.08
CA SER B 25 -1.74 16.62 -12.98
CA SER B 25 -1.92 16.68 -13.04
C SER B 25 -2.87 17.00 -12.02
C SER B 25 -3.03 16.92 -12.03
N LEU B 26 -2.51 17.41 -10.81
N LEU B 26 -2.63 17.37 -10.84
CA LEU B 26 -3.53 17.79 -9.82
CA LEU B 26 -3.59 17.78 -9.82
C LEU B 26 -4.44 18.89 -10.35
C LEU B 26 -4.46 18.91 -10.33
N GLU B 27 -3.85 19.92 -10.96
CA GLU B 27 -4.61 21.05 -11.46
C GLU B 27 -5.52 20.65 -12.62
N ASN B 28 -5.12 19.64 -13.40
CA ASN B 28 -5.98 19.17 -14.48
C ASN B 28 -7.14 18.35 -13.95
N VAL B 29 -6.91 17.55 -12.91
CA VAL B 29 -8.03 16.86 -12.25
C VAL B 29 -9.05 17.87 -11.76
N ALA B 30 -8.57 18.92 -11.08
CA ALA B 30 -9.48 19.91 -10.53
C ALA B 30 -10.22 20.67 -11.63
N PHE B 31 -9.55 20.93 -12.76
CA PHE B 31 -10.23 21.56 -13.89
C PHE B 31 -11.38 20.69 -14.37
N ASN B 32 -11.16 19.38 -14.47
CA ASN B 32 -12.22 18.49 -14.93
C ASN B 32 -13.39 18.45 -13.94
N VAL B 33 -13.07 18.40 -12.64
CA VAL B 33 -14.14 18.40 -11.63
C VAL B 33 -14.98 19.67 -11.73
N VAL B 34 -14.32 20.82 -11.84
CA VAL B 34 -15.03 22.10 -11.88
C VAL B 34 -15.89 22.21 -13.12
N ASN B 35 -15.37 21.78 -14.27
CA ASN B 35 -16.04 22.02 -15.55
C ASN B 35 -16.91 20.86 -16.01
N LYS B 36 -16.62 19.62 -15.58
CA LYS B 36 -17.34 18.46 -16.08
C LYS B 36 -18.03 17.65 -14.99
N GLY B 37 -17.86 18.01 -13.72
CA GLY B 37 -18.44 17.25 -12.62
C GLY B 37 -17.68 16.02 -12.20
N HIS B 38 -16.64 15.65 -12.93
CA HIS B 38 -15.79 14.49 -12.64
C HIS B 38 -14.65 14.53 -13.66
N PHE B 39 -13.74 13.56 -13.56
CA PHE B 39 -12.66 13.51 -14.54
C PHE B 39 -13.21 13.05 -15.88
N ASP B 40 -13.00 13.86 -16.92
CA ASP B 40 -13.56 13.60 -18.25
C ASP B 40 -12.48 13.66 -19.33
N GLY B 41 -11.20 13.64 -18.95
CA GLY B 41 -10.12 13.68 -19.92
C GLY B 41 -9.98 14.98 -20.68
N GLN B 42 -10.50 16.08 -20.14
CA GLN B 42 -10.42 17.37 -20.81
C GLN B 42 -9.12 18.09 -20.45
N GLN B 43 -8.63 18.90 -21.39
CA GLN B 43 -7.44 19.70 -21.15
C GLN B 43 -7.80 20.98 -20.42
N GLY B 44 -6.91 21.42 -19.53
CA GLY B 44 -7.16 22.62 -18.75
C GLY B 44 -6.59 22.48 -17.37
N GLU B 45 -6.48 23.62 -16.69
CA GLU B 45 -5.96 23.69 -15.33
C GLU B 45 -6.68 24.79 -14.57
N VAL B 46 -6.81 24.60 -13.27
CA VAL B 46 -7.30 25.64 -12.36
C VAL B 46 -6.36 25.69 -11.15
N PRO B 47 -6.26 26.84 -10.47
CA PRO B 47 -5.40 26.92 -9.28
C PRO B 47 -5.99 26.10 -8.13
N VAL B 48 -5.12 25.39 -7.42
CA VAL B 48 -5.53 24.48 -6.37
C VAL B 48 -4.75 24.79 -5.09
N SER B 49 -5.44 24.76 -3.95
CA SER B 49 -4.83 24.82 -2.64
C SER B 49 -5.12 23.53 -1.88
N ILE B 50 -4.13 22.98 -1.20
N ILE B 50 -4.07 22.95 -1.31
CA ILE B 50 -4.32 21.78 -0.38
CA ILE B 50 -4.15 21.78 -0.44
C ILE B 50 -4.06 22.14 1.08
C ILE B 50 -3.83 22.23 0.97
N ILE B 51 -5.12 22.08 1.91
N ILE B 51 -4.68 21.87 1.92
CA ILE B 51 -5.02 22.34 3.34
CA ILE B 51 -4.43 22.15 3.33
C ILE B 51 -6.01 21.42 4.05
C ILE B 51 -5.22 21.14 4.15
N ASN B 52 -5.65 21.03 5.28
N ASN B 52 -4.52 20.44 5.04
CA ASN B 52 -6.59 20.35 6.19
CA ASN B 52 -5.07 19.31 5.81
C ASN B 52 -7.18 19.09 5.57
C ASN B 52 -5.62 18.30 4.81
N ASN B 53 -6.34 18.33 4.85
N ASN B 53 -6.87 17.84 4.94
CA ASN B 53 -6.79 17.13 4.14
CA ASN B 53 -7.41 16.80 4.07
C ASN B 53 -7.94 17.43 3.19
C ASN B 53 -8.35 17.35 3.00
N THR B 54 -7.93 18.64 2.63
N THR B 54 -8.24 18.63 2.66
CA THR B 54 -9.01 19.14 1.78
CA THR B 54 -9.22 19.25 1.79
C THR B 54 -8.42 19.79 0.54
C THR B 54 -8.56 19.94 0.60
N VAL B 55 -9.15 19.73 -0.57
CA VAL B 55 -8.73 20.34 -1.82
C VAL B 55 -9.62 21.55 -2.10
N TYR B 56 -9.01 22.70 -2.34
CA TYR B 56 -9.71 23.92 -2.71
C TYR B 56 -9.28 24.39 -4.08
N THR B 57 -10.15 25.15 -4.73
CA THR B 57 -9.78 25.87 -5.94
C THR B 57 -10.20 27.32 -5.79
N LYS B 58 -9.46 28.21 -6.46
CA LYS B 58 -9.71 29.64 -6.37
C LYS B 58 -10.76 30.03 -7.41
N VAL B 59 -11.86 30.60 -6.94
CA VAL B 59 -12.93 31.08 -7.81
C VAL B 59 -13.13 32.56 -7.49
N ASP B 60 -12.68 33.43 -8.40
CA ASP B 60 -12.84 34.88 -8.28
C ASP B 60 -12.31 35.38 -6.93
N GLY B 61 -11.09 34.96 -6.61
CA GLY B 61 -10.37 35.47 -5.46
C GLY B 61 -10.50 34.65 -4.19
N VAL B 62 -11.55 33.85 -4.03
CA VAL B 62 -11.77 33.11 -2.80
C VAL B 62 -11.68 31.61 -3.07
N ASP B 63 -11.41 30.86 -2.00
CA ASP B 63 -11.22 29.42 -2.08
C ASP B 63 -12.55 28.70 -1.92
N VAL B 64 -12.80 27.73 -2.81
CA VAL B 64 -14.00 26.91 -2.77
C VAL B 64 -13.57 25.45 -2.60
N GLU B 65 -14.19 24.76 -1.65
CA GLU B 65 -13.83 23.37 -1.38
C GLU B 65 -14.34 22.46 -2.49
N LEU B 66 -13.44 21.65 -3.04
CA LEU B 66 -13.80 20.66 -4.05
C LEU B 66 -13.87 19.24 -3.51
N PHE B 67 -13.14 18.94 -2.44
CA PHE B 67 -13.02 17.56 -1.96
C PHE B 67 -12.47 17.51 -0.55
N GLU B 68 -13.15 16.80 0.34
CA GLU B 68 -12.64 16.52 1.67
C GLU B 68 -12.25 15.05 1.74
N ASN B 69 -10.97 14.78 2.02
CA ASN B 69 -10.48 13.42 2.04
C ASN B 69 -10.93 12.72 3.32
N LYS B 70 -11.70 11.64 3.16
CA LYS B 70 -12.08 10.78 4.25
C LYS B 70 -11.38 9.43 4.20
N THR B 71 -10.45 9.25 3.26
CA THR B 71 -9.75 7.98 3.08
C THR B 71 -8.46 7.97 3.88
N THR B 72 -7.79 6.82 3.86
CA THR B 72 -6.46 6.69 4.45
C THR B 72 -5.34 6.93 3.43
N LEU B 73 -5.69 7.37 2.21
CA LEU B 73 -4.74 7.74 1.18
C LEU B 73 -4.36 9.21 1.31
N PRO B 74 -3.26 9.65 0.71
CA PRO B 74 -2.95 11.08 0.68
C PRO B 74 -4.05 11.85 -0.03
N VAL B 75 -4.26 13.10 0.41
CA VAL B 75 -5.41 13.88 -0.01
C VAL B 75 -5.45 14.05 -1.53
N ASN B 76 -4.30 14.34 -2.15
CA ASN B 76 -4.29 14.57 -3.59
C ASN B 76 -4.50 13.28 -4.37
N VAL B 77 -4.10 12.14 -3.80
CA VAL B 77 -4.31 10.86 -4.45
C VAL B 77 -5.78 10.46 -4.37
N ALA B 78 -6.38 10.58 -3.18
CA ALA B 78 -7.80 10.26 -3.02
C ALA B 78 -8.66 11.16 -3.89
N PHE B 79 -8.28 12.43 -4.02
CA PHE B 79 -9.00 13.36 -4.89
C PHE B 79 -9.03 12.85 -6.33
N GLU B 80 -7.89 12.38 -6.83
CA GLU B 80 -7.83 11.88 -8.21
C GLU B 80 -8.65 10.61 -8.38
N LEU B 81 -8.56 9.69 -7.43
CA LEU B 81 -9.34 8.45 -7.54
C LEU B 81 -10.84 8.74 -7.50
N TRP B 82 -11.26 9.66 -6.62
CA TRP B 82 -12.67 10.04 -6.57
C TRP B 82 -13.12 10.67 -7.88
N ALA B 83 -12.30 11.59 -8.43
CA ALA B 83 -12.66 12.23 -9.69
C ALA B 83 -12.76 11.22 -10.83
N LYS B 84 -11.98 10.13 -10.75
CA LYS B 84 -11.96 9.10 -11.79
C LYS B 84 -12.89 7.94 -11.46
N ARG B 85 -13.83 8.14 -10.54
CA ARG B 85 -14.77 7.08 -10.16
C ARG B 85 -15.64 6.68 -11.35
N ASN B 86 -16.05 5.43 -11.37
CA ASN B 86 -16.99 4.96 -12.39
C ASN B 86 -18.34 5.60 -12.15
N ILE B 87 -18.87 6.29 -13.16
CA ILE B 87 -20.15 6.97 -13.06
C ILE B 87 -21.25 6.24 -13.84
N LYS B 88 -20.99 5.01 -14.25
CA LYS B 88 -22.03 4.13 -14.76
C LYS B 88 -22.56 3.27 -13.63
N PRO B 89 -23.72 2.64 -13.80
CA PRO B 89 -24.17 1.66 -12.80
C PRO B 89 -23.14 0.56 -12.63
N VAL B 90 -22.75 0.31 -11.40
CA VAL B 90 -21.77 -0.74 -11.10
C VAL B 90 -22.30 -1.61 -9.99
N PRO B 91 -21.81 -2.85 -9.88
CA PRO B 91 -22.23 -3.72 -8.77
C PRO B 91 -22.00 -3.04 -7.43
N GLU B 92 -22.90 -3.30 -6.48
CA GLU B 92 -22.69 -2.84 -5.12
C GLU B 92 -21.43 -3.48 -4.54
N VAL B 93 -20.77 -2.73 -3.65
CA VAL B 93 -19.48 -3.18 -3.13
C VAL B 93 -19.61 -4.51 -2.40
N LYS B 94 -20.73 -4.73 -1.71
CA LYS B 94 -20.92 -5.99 -1.01
C LYS B 94 -20.89 -7.18 -1.97
N ILE B 95 -21.39 -7.00 -3.19
CA ILE B 95 -21.33 -8.08 -4.19
C ILE B 95 -19.89 -8.33 -4.61
N LEU B 96 -19.15 -7.26 -4.91
CA LEU B 96 -17.75 -7.42 -5.32
C LEU B 96 -16.92 -8.05 -4.21
N ASN B 97 -17.12 -7.61 -2.96
CA ASN B 97 -16.41 -8.22 -1.84
C ASN B 97 -16.75 -9.70 -1.72
N ASN B 98 -18.03 -10.05 -1.82
CA ASN B 98 -18.42 -11.46 -1.67
C ASN B 98 -17.84 -12.33 -2.78
N LEU B 99 -17.57 -11.75 -3.94
CA LEU B 99 -16.97 -12.49 -5.05
C LEU B 99 -15.45 -12.46 -5.02
N GLY B 100 -14.85 -11.80 -4.03
CA GLY B 100 -13.41 -11.82 -3.89
C GLY B 100 -12.66 -10.87 -4.77
N VAL B 101 -13.31 -9.80 -5.26
CA VAL B 101 -12.65 -8.85 -6.14
C VAL B 101 -11.58 -8.08 -5.37
N ASP B 102 -10.37 -8.03 -5.93
CA ASP B 102 -9.26 -7.33 -5.30
C ASP B 102 -8.98 -5.98 -5.91
N ILE B 103 -9.36 -5.77 -7.17
CA ILE B 103 -8.89 -4.61 -7.94
C ILE B 103 -9.75 -4.52 -9.19
N ALA B 104 -9.81 -3.34 -9.79
CA ALA B 104 -10.61 -3.12 -10.99
C ALA B 104 -9.72 -2.79 -12.17
N ALA B 105 -10.16 -3.21 -13.37
CA ALA B 105 -9.43 -2.97 -14.60
C ALA B 105 -9.79 -1.58 -15.13
N ASN B 106 -8.86 -0.64 -15.01
CA ASN B 106 -8.93 0.65 -15.70
C ASN B 106 -10.16 1.46 -15.31
N THR B 107 -10.54 1.36 -14.04
CA THR B 107 -11.60 2.19 -13.48
C THR B 107 -11.44 2.19 -11.97
N VAL B 108 -12.24 3.04 -11.32
CA VAL B 108 -12.29 3.11 -9.86
C VAL B 108 -13.73 2.86 -9.43
N ILE B 109 -13.92 1.84 -8.61
CA ILE B 109 -15.20 1.61 -7.95
C ILE B 109 -15.16 2.39 -6.65
N TRP B 110 -15.90 3.50 -6.58
CA TRP B 110 -15.93 4.31 -5.37
C TRP B 110 -16.92 3.72 -4.39
N ASP B 111 -16.48 3.55 -3.14
CA ASP B 111 -17.30 2.98 -2.07
C ASP B 111 -17.95 4.13 -1.33
N TYR B 112 -19.22 4.40 -1.63
CA TYR B 112 -19.91 5.53 -1.03
C TYR B 112 -20.28 5.29 0.42
N LYS B 113 -20.27 4.03 0.88
CA LYS B 113 -20.51 3.77 2.30
C LYS B 113 -19.29 4.08 3.14
N ARG B 114 -18.10 4.00 2.56
CA ARG B 114 -16.86 4.32 3.26
C ARG B 114 -16.26 5.66 2.83
N ASP B 115 -16.83 6.31 1.83
CA ASP B 115 -16.26 7.54 1.24
C ASP B 115 -14.81 7.31 0.85
N ALA B 116 -14.55 6.21 0.15
CA ALA B 116 -13.19 5.80 -0.14
C ALA B 116 -13.22 4.86 -1.34
N PRO B 117 -12.09 4.65 -2.00
CA PRO B 117 -12.03 3.64 -3.07
C PRO B 117 -12.36 2.27 -2.51
N ALA B 118 -13.10 1.48 -3.28
CA ALA B 118 -13.41 0.13 -2.85
C ALA B 118 -12.17 -0.75 -2.79
N HIS B 119 -11.11 -0.41 -3.53
CA HIS B 119 -9.93 -1.24 -3.65
C HIS B 119 -8.68 -0.39 -3.45
N ILE B 120 -7.65 -1.02 -2.89
CA ILE B 120 -6.46 -0.28 -2.46
C ILE B 120 -5.67 0.21 -3.66
N SER B 121 -5.46 -0.65 -4.65
CA SER B 121 -4.63 -0.35 -5.80
C SER B 121 -5.49 -0.20 -7.05
N THR B 122 -4.85 0.24 -8.13
CA THR B 122 -5.52 0.47 -9.39
C THR B 122 -4.70 -0.13 -10.53
N ILE B 123 -5.32 -0.16 -11.70
CA ILE B 123 -4.69 -0.60 -12.94
C ILE B 123 -5.00 0.47 -13.99
N GLY B 124 -3.97 1.19 -14.42
CA GLY B 124 -4.14 2.20 -15.46
C GLY B 124 -5.02 3.37 -15.11
N VAL B 125 -5.02 3.81 -13.84
CA VAL B 125 -5.86 4.91 -13.38
C VAL B 125 -5.02 6.07 -12.86
N CYS B 126 -4.08 5.79 -11.97
CA CYS B 126 -3.42 6.83 -11.19
C CYS B 126 -1.99 6.40 -10.91
N SER B 127 -1.03 7.30 -11.20
N SER B 127 -1.03 7.30 -11.20
CA SER B 127 0.37 6.93 -11.10
CA SER B 127 0.38 6.94 -11.11
C SER B 127 0.78 6.56 -9.67
C SER B 127 0.83 6.65 -9.68
N MET B 128 0.09 7.12 -8.66
CA MET B 128 0.47 6.83 -7.28
C MET B 128 -0.04 5.48 -6.81
N THR B 129 -1.17 5.01 -7.35
CA THR B 129 -1.77 3.76 -6.88
C THR B 129 -1.71 2.62 -7.89
N ASP B 130 -1.34 2.89 -9.14
CA ASP B 130 -1.26 1.83 -10.14
C ASP B 130 -0.20 0.80 -9.75
N ILE B 131 -0.57 -0.48 -9.83
CA ILE B 131 0.41 -1.56 -9.82
C ILE B 131 0.75 -2.02 -11.22
N ALA B 132 0.00 -1.56 -12.23
CA ALA B 132 0.17 -1.95 -13.61
C ALA B 132 -0.63 -0.99 -14.47
N LYS B 133 -0.27 -0.93 -15.76
CA LYS B 133 -1.05 -0.15 -16.71
C LYS B 133 -2.18 -0.96 -17.34
N LYS B 134 -1.99 -2.25 -17.52
CA LYS B 134 -2.97 -3.13 -18.14
C LYS B 134 -3.14 -4.39 -17.31
N PRO B 135 -4.33 -4.99 -17.31
CA PRO B 135 -4.56 -6.20 -16.50
C PRO B 135 -3.79 -7.41 -16.99
N THR B 136 -3.17 -7.35 -18.16
CA THR B 136 -2.41 -8.47 -18.68
C THR B 136 -1.02 -8.59 -18.06
N GLU B 137 -0.58 -7.58 -17.30
CA GLU B 137 0.74 -7.64 -16.70
C GLU B 137 0.80 -8.70 -15.61
N THR B 138 1.99 -9.27 -15.42
CA THR B 138 2.14 -10.45 -14.58
C THR B 138 1.72 -10.18 -13.13
N ILE B 139 1.94 -8.96 -12.64
CA ILE B 139 1.59 -8.64 -11.27
C ILE B 139 0.10 -8.80 -11.00
N CYS B 140 -0.74 -8.73 -12.03
CA CYS B 140 -2.18 -8.84 -11.84
C CYS B 140 -2.67 -10.29 -11.80
N ALA B 141 -1.85 -11.25 -12.25
CA ALA B 141 -2.31 -12.63 -12.37
C ALA B 141 -2.86 -13.20 -11.06
N PRO B 142 -2.22 -13.03 -9.89
CA PRO B 142 -2.80 -13.61 -8.67
C PRO B 142 -3.96 -12.81 -8.10
N LEU B 143 -4.27 -11.64 -8.63
CA LEU B 143 -5.36 -10.82 -8.11
C LEU B 143 -6.64 -11.07 -8.89
N THR B 144 -7.77 -11.05 -8.18
CA THR B 144 -9.07 -11.15 -8.84
C THR B 144 -9.46 -9.77 -9.35
N VAL B 145 -9.34 -9.59 -10.66
CA VAL B 145 -9.57 -8.31 -11.32
C VAL B 145 -11.02 -8.23 -11.76
N PHE B 146 -11.65 -7.09 -11.50
CA PHE B 146 -13.01 -6.83 -11.96
C PHE B 146 -12.98 -6.31 -13.39
N PHE B 147 -13.71 -6.98 -14.29
CA PHE B 147 -13.79 -6.60 -15.69
C PHE B 147 -15.23 -6.22 -16.02
N ASP B 148 -15.38 -5.21 -16.88
CA ASP B 148 -16.68 -4.66 -17.24
C ASP B 148 -16.88 -4.87 -18.74
N GLY B 149 -17.74 -5.82 -19.09
CA GLY B 149 -18.02 -6.15 -20.48
C GLY B 149 -18.62 -5.02 -21.28
N ARG B 150 -19.09 -3.95 -20.64
CA ARG B 150 -19.56 -2.78 -21.36
C ARG B 150 -18.42 -1.95 -21.95
N VAL B 151 -17.18 -2.23 -21.56
CA VAL B 151 -16.01 -1.51 -22.06
C VAL B 151 -15.34 -2.39 -23.12
N ASP B 152 -15.01 -1.78 -24.26
CA ASP B 152 -14.39 -2.53 -25.35
C ASP B 152 -13.13 -3.24 -24.88
N GLY B 153 -13.03 -4.53 -25.20
CA GLY B 153 -11.85 -5.31 -24.95
C GLY B 153 -11.79 -6.02 -23.61
N GLN B 154 -12.67 -5.70 -22.67
CA GLN B 154 -12.51 -6.24 -21.32
C GLN B 154 -13.01 -7.67 -21.19
N VAL B 155 -13.93 -8.12 -22.04
CA VAL B 155 -14.28 -9.54 -22.06
C VAL B 155 -13.08 -10.38 -22.46
N ASP B 156 -12.34 -9.93 -23.48
CA ASP B 156 -11.14 -10.67 -23.90
C ASP B 156 -10.08 -10.64 -22.80
N LEU B 157 -9.97 -9.54 -22.08
CA LEU B 157 -9.02 -9.48 -20.97
C LEU B 157 -9.41 -10.45 -19.87
N PHE B 158 -10.70 -10.61 -19.62
CA PHE B 158 -11.17 -11.60 -18.67
C PHE B 158 -10.76 -13.01 -19.09
N ARG B 159 -10.92 -13.32 -20.37
CA ARG B 159 -10.54 -14.64 -20.87
C ARG B 159 -9.05 -14.91 -20.66
N ASN B 160 -8.22 -13.89 -20.75
CA ASN B 160 -6.78 -14.06 -20.57
C ASN B 160 -6.34 -13.93 -19.11
N ALA B 161 -7.18 -13.41 -18.23
CA ALA B 161 -6.81 -13.22 -16.84
C ALA B 161 -6.86 -14.53 -16.08
N ARG B 162 -5.91 -14.72 -15.16
CA ARG B 162 -5.91 -15.93 -14.34
C ARG B 162 -7.02 -15.89 -13.30
N ASN B 163 -7.25 -14.72 -12.71
CA ASN B 163 -8.30 -14.54 -11.70
C ASN B 163 -9.10 -13.30 -12.05
N GLY B 164 -10.42 -13.40 -12.00
CA GLY B 164 -11.21 -12.23 -12.35
C GLY B 164 -12.68 -12.45 -12.13
N VAL B 165 -13.41 -11.34 -12.16
CA VAL B 165 -14.86 -11.30 -12.13
C VAL B 165 -15.31 -10.41 -13.28
N LEU B 166 -16.28 -10.88 -14.06
CA LEU B 166 -16.75 -10.17 -15.23
C LEU B 166 -18.25 -9.92 -15.13
N ILE B 167 -18.68 -8.71 -15.46
CA ILE B 167 -20.09 -8.41 -15.64
C ILE B 167 -20.33 -8.05 -17.10
N THR B 168 -21.49 -8.45 -17.62
CA THR B 168 -21.91 -8.10 -18.97
C THR B 168 -23.40 -7.80 -18.96
N GLU B 169 -23.84 -7.13 -20.02
CA GLU B 169 -25.27 -6.91 -20.24
C GLU B 169 -25.90 -7.99 -21.10
N GLY B 170 -25.11 -8.85 -21.72
CA GLY B 170 -25.62 -9.93 -22.55
C GLY B 170 -24.77 -11.18 -22.47
N SER B 171 -25.05 -12.15 -23.34
CA SER B 171 -24.34 -13.42 -23.28
C SER B 171 -22.92 -13.28 -23.82
N VAL B 172 -22.02 -14.10 -23.28
CA VAL B 172 -20.66 -14.25 -23.78
C VAL B 172 -20.55 -15.67 -24.31
N LYS B 173 -20.15 -15.81 -25.58
CA LYS B 173 -20.23 -17.11 -26.23
C LYS B 173 -19.41 -18.16 -25.47
N GLY B 174 -20.06 -19.27 -25.13
CA GLY B 174 -19.42 -20.37 -24.44
C GLY B 174 -19.45 -20.27 -22.93
N LEU B 175 -19.63 -19.08 -22.36
CA LEU B 175 -19.57 -18.91 -20.92
C LEU B 175 -20.95 -19.04 -20.30
N GLN B 176 -21.03 -19.78 -19.20
CA GLN B 176 -22.28 -19.98 -18.49
C GLN B 176 -22.50 -18.83 -17.52
N PRO B 177 -23.58 -18.06 -17.65
CA PRO B 177 -23.76 -16.88 -16.82
C PRO B 177 -24.50 -17.17 -15.52
N SER B 178 -24.32 -16.25 -14.57
CA SER B 178 -25.12 -16.16 -13.37
C SER B 178 -25.84 -14.82 -13.39
N VAL B 179 -27.17 -14.85 -13.29
CA VAL B 179 -27.95 -13.62 -13.29
C VAL B 179 -27.77 -12.94 -11.93
N GLY B 180 -27.29 -11.70 -11.95
CA GLY B 180 -27.02 -10.97 -10.73
C GLY B 180 -28.25 -10.30 -10.16
N PRO B 181 -28.05 -9.47 -9.13
CA PRO B 181 -29.19 -8.75 -8.54
C PRO B 181 -29.81 -7.77 -9.51
N LYS B 182 -31.06 -7.42 -9.24
CA LYS B 182 -31.76 -6.44 -10.08
C LYS B 182 -31.16 -5.05 -9.95
N GLN B 183 -30.60 -4.72 -8.80
CA GLN B 183 -30.15 -3.37 -8.51
C GLN B 183 -28.65 -3.23 -8.71
N ALA B 184 -28.23 -1.98 -8.93
CA ALA B 184 -26.82 -1.62 -9.00
C ALA B 184 -26.67 -0.22 -8.41
N SER B 185 -25.43 0.24 -8.29
CA SER B 185 -25.13 1.53 -7.69
C SER B 185 -24.72 2.51 -8.77
N LEU B 186 -25.41 3.66 -8.81
CA LEU B 186 -25.11 4.73 -9.75
C LEU B 186 -24.80 5.98 -8.96
N ASN B 187 -23.52 6.37 -8.93
CA ASN B 187 -23.08 7.56 -8.19
C ASN B 187 -23.52 7.51 -6.74
N GLY B 188 -23.44 6.31 -6.15
CA GLY B 188 -23.83 6.14 -4.76
C GLY B 188 -25.30 5.91 -4.52
N VAL B 189 -26.12 5.91 -5.56
CA VAL B 189 -27.55 5.66 -5.43
C VAL B 189 -27.80 4.23 -5.89
N THR B 190 -28.23 3.37 -4.99
CA THR B 190 -28.61 2.01 -5.34
C THR B 190 -30.02 2.02 -5.93
N LEU B 191 -30.16 1.47 -7.14
CA LEU B 191 -31.42 1.58 -7.84
C LEU B 191 -31.58 0.41 -8.80
N ILE B 192 -32.83 0.15 -9.15
CA ILE B 192 -33.19 -0.79 -10.21
C ILE B 192 -33.46 0.05 -11.45
N GLY B 193 -32.60 -0.09 -12.46
CA GLY B 193 -32.59 0.87 -13.55
C GLY B 193 -33.79 0.73 -14.47
N GLU B 194 -34.37 1.87 -14.85
CA GLU B 194 -35.40 1.95 -15.86
C GLU B 194 -34.92 2.64 -17.13
N ALA B 195 -34.19 3.73 -17.00
CA ALA B 195 -33.53 4.37 -18.14
C ALA B 195 -32.15 3.77 -18.41
N VAL B 196 -31.63 2.94 -17.51
CA VAL B 196 -30.33 2.30 -17.67
C VAL B 196 -30.48 0.85 -17.20
N LYS B 197 -29.56 0.01 -17.65
CA LYS B 197 -29.54 -1.40 -17.26
C LYS B 197 -28.70 -1.56 -16.00
N THR B 198 -29.29 -2.19 -14.98
CA THR B 198 -28.58 -2.46 -13.74
C THR B 198 -28.47 -3.94 -13.39
N GLN B 199 -29.08 -4.83 -14.17
CA GLN B 199 -28.98 -6.26 -13.93
C GLN B 199 -27.96 -6.85 -14.90
N PHE B 200 -26.93 -7.49 -14.36
CA PHE B 200 -25.82 -7.99 -15.16
C PHE B 200 -25.73 -9.51 -15.05
N ASN B 201 -25.15 -10.12 -16.07
CA ASN B 201 -24.60 -11.46 -15.95
C ASN B 201 -23.27 -11.41 -15.22
N TYR B 202 -23.02 -12.40 -14.38
CA TYR B 202 -21.77 -12.50 -13.64
C TYR B 202 -20.99 -13.74 -14.06
N TYR B 203 -19.66 -13.59 -14.12
CA TYR B 203 -18.75 -14.69 -14.40
C TYR B 203 -17.53 -14.53 -13.51
N LYS B 204 -16.93 -15.66 -13.12
CA LYS B 204 -15.80 -15.63 -12.21
C LYS B 204 -14.78 -16.70 -12.60
N LYS B 205 -13.49 -16.35 -12.51
CA LYS B 205 -12.41 -17.27 -12.78
C LYS B 205 -11.48 -17.34 -11.58
N VAL B 206 -11.02 -18.55 -11.25
CA VAL B 206 -10.07 -18.78 -10.17
C VAL B 206 -8.96 -19.68 -10.72
N ASP B 207 -7.71 -19.22 -10.60
CA ASP B 207 -6.54 -19.99 -11.03
C ASP B 207 -6.65 -20.39 -12.50
N GLY B 208 -7.16 -19.49 -13.33
CA GLY B 208 -7.30 -19.73 -14.75
C GLY B 208 -8.48 -20.57 -15.15
N VAL B 209 -9.32 -20.98 -14.21
CA VAL B 209 -10.45 -21.86 -14.47
C VAL B 209 -11.74 -21.11 -14.18
N VAL B 210 -12.67 -21.13 -15.14
CA VAL B 210 -13.99 -20.56 -14.90
C VAL B 210 -14.67 -21.34 -13.79
N GLN B 211 -15.31 -20.62 -12.87
CA GLN B 211 -15.90 -21.22 -11.69
C GLN B 211 -17.42 -21.06 -11.72
N GLN B 212 -18.12 -22.15 -11.39
CA GLN B 212 -19.58 -22.13 -11.32
C GLN B 212 -20.02 -21.29 -10.13
N LEU B 213 -20.74 -20.20 -10.40
CA LEU B 213 -21.27 -19.40 -9.29
C LEU B 213 -22.48 -20.09 -8.69
N PRO B 214 -22.63 -20.05 -7.37
CA PRO B 214 -23.71 -20.81 -6.73
C PRO B 214 -25.07 -20.13 -6.92
N GLU B 215 -26.12 -20.95 -6.82
CA GLU B 215 -27.46 -20.41 -6.70
C GLU B 215 -27.55 -19.61 -5.39
N THR B 216 -28.25 -18.48 -5.45
CA THR B 216 -28.16 -17.54 -4.34
C THR B 216 -29.41 -16.69 -4.27
N TYR B 217 -29.78 -16.31 -3.05
CA TYR B 217 -30.67 -15.17 -2.85
C TYR B 217 -29.87 -13.88 -2.98
N PHE B 218 -30.58 -12.76 -3.10
CA PHE B 218 -29.96 -11.45 -3.09
C PHE B 218 -30.66 -10.56 -2.09
N THR B 219 -29.87 -9.79 -1.33
CA THR B 219 -30.47 -8.77 -0.48
C THR B 219 -31.03 -7.64 -1.34
N GLN B 220 -31.97 -6.88 -0.75
CA GLN B 220 -32.74 -5.89 -1.50
C GLN B 220 -32.16 -4.49 -1.43
N SER B 221 -31.22 -4.23 -0.52
CA SER B 221 -30.48 -2.96 -0.48
C SER B 221 -31.39 -1.76 -0.25
N ARG B 222 -32.42 -1.93 0.57
CA ARG B 222 -33.29 -0.82 0.93
C ARG B 222 -32.80 -0.17 2.22
N ASN B 223 -33.38 0.98 2.56
CA ASN B 223 -33.02 1.67 3.79
C ASN B 223 -34.27 1.97 4.60
N LEU B 224 -34.03 2.37 5.86
CA LEU B 224 -35.11 2.48 6.84
C LEU B 224 -36.17 3.48 6.41
N GLN B 225 -35.74 4.70 6.07
CA GLN B 225 -36.67 5.80 5.87
C GLN B 225 -37.61 5.52 4.69
N GLU B 226 -37.05 5.42 3.49
CA GLU B 226 -37.84 5.23 2.27
C GLU B 226 -38.02 3.77 1.89
N PHE B 227 -38.31 2.91 2.86
CA PHE B 227 -38.54 1.50 2.58
C PHE B 227 -39.83 1.34 1.78
N LYS B 228 -39.78 0.53 0.72
CA LYS B 228 -40.96 0.25 -0.09
C LYS B 228 -41.12 -1.25 -0.24
N PRO B 229 -42.32 -1.79 -0.04
CA PRO B 229 -42.51 -3.23 -0.23
C PRO B 229 -42.40 -3.62 -1.69
N ARG B 230 -41.98 -4.87 -1.92
CA ARG B 230 -41.74 -5.36 -3.28
C ARG B 230 -42.47 -6.68 -3.54
N SER B 231 -43.48 -6.99 -2.72
CA SER B 231 -44.31 -8.16 -2.94
C SER B 231 -45.59 -7.99 -2.14
N GLN B 232 -46.60 -8.78 -2.48
CA GLN B 232 -47.87 -8.69 -1.76
C GLN B 232 -47.71 -9.10 -0.31
N MET B 233 -46.83 -10.06 -0.02
CA MET B 233 -46.57 -10.43 1.37
C MET B 233 -45.98 -9.27 2.15
N GLU B 234 -45.08 -8.49 1.52
CA GLU B 234 -44.50 -7.34 2.20
C GLU B 234 -45.52 -6.24 2.38
N ILE B 235 -46.44 -6.07 1.42
CA ILE B 235 -47.53 -5.11 1.59
C ILE B 235 -48.42 -5.54 2.74
N ASP B 236 -48.73 -6.84 2.83
CA ASP B 236 -49.54 -7.34 3.93
C ASP B 236 -48.85 -7.13 5.27
N PHE B 237 -47.54 -7.37 5.34
CA PHE B 237 -46.82 -7.22 6.60
C PHE B 237 -46.89 -5.79 7.12
N LEU B 238 -46.80 -4.81 6.23
CA LEU B 238 -46.79 -3.42 6.66
C LEU B 238 -48.18 -2.94 7.07
N GLU B 239 -49.23 -3.43 6.39
CA GLU B 239 -50.58 -2.93 6.64
C GLU B 239 -51.33 -3.72 7.70
N LEU B 240 -51.24 -5.05 7.67
CA LEU B 240 -51.98 -5.86 8.62
C LEU B 240 -51.37 -5.75 10.02
N ALA B 241 -52.13 -6.22 11.00
CA ALA B 241 -51.61 -6.37 12.35
C ALA B 241 -50.80 -7.66 12.45
N MET B 242 -50.07 -7.79 13.56
CA MET B 242 -49.15 -8.92 13.72
C MET B 242 -49.89 -10.25 13.69
N ASP B 243 -50.98 -10.36 14.45
CA ASP B 243 -51.71 -11.62 14.51
C ASP B 243 -52.36 -11.97 13.18
N GLU B 244 -52.87 -10.96 12.46
CA GLU B 244 -53.56 -11.23 11.20
C GLU B 244 -52.58 -11.69 10.13
N PHE B 245 -51.40 -11.07 10.06
CA PHE B 245 -50.42 -11.46 9.06
C PHE B 245 -49.94 -12.89 9.29
N ILE B 246 -49.65 -13.24 10.54
CA ILE B 246 -49.14 -14.57 10.84
C ILE B 246 -50.17 -15.64 10.50
N GLU B 247 -51.45 -15.34 10.73
CA GLU B 247 -52.50 -16.30 10.41
C GLU B 247 -52.63 -16.49 8.89
N ARG B 248 -52.64 -15.38 8.15
CA ARG B 248 -52.86 -15.46 6.70
C ARG B 248 -51.78 -16.27 6.02
N TYR B 249 -50.52 -16.06 6.40
CA TYR B 249 -49.40 -16.75 5.77
C TYR B 249 -48.94 -17.97 6.57
N LYS B 250 -49.74 -18.42 7.54
CA LYS B 250 -49.54 -19.69 8.21
C LYS B 250 -48.13 -19.78 8.82
N LEU B 251 -47.80 -18.80 9.64
CA LEU B 251 -46.46 -18.69 10.22
C LEU B 251 -46.42 -19.05 11.69
N GLU B 252 -47.44 -19.77 12.18
CA GLU B 252 -47.44 -20.20 13.58
C GLU B 252 -46.28 -21.14 13.85
N GLY B 253 -45.64 -20.98 15.00
CA GLY B 253 -44.51 -21.79 15.37
C GLY B 253 -43.18 -21.36 14.81
N TYR B 254 -43.14 -20.29 14.03
CA TYR B 254 -41.90 -19.80 13.42
C TYR B 254 -41.37 -18.54 14.08
N ALA B 255 -41.98 -18.10 15.18
CA ALA B 255 -41.46 -17.00 16.01
C ALA B 255 -41.31 -15.71 15.22
N PHE B 256 -42.27 -15.43 14.34
CA PHE B 256 -42.23 -14.16 13.60
C PHE B 256 -42.44 -12.97 14.52
N GLU B 257 -43.19 -13.15 15.62
CA GLU B 257 -43.35 -12.07 16.59
C GLU B 257 -41.99 -11.64 17.15
N HIS B 258 -41.09 -12.60 17.34
CA HIS B 258 -39.75 -12.34 17.87
C HIS B 258 -38.77 -11.94 16.76
N ILE B 259 -38.68 -12.74 15.70
CA ILE B 259 -37.62 -12.59 14.71
C ILE B 259 -37.79 -11.31 13.90
N VAL B 260 -39.00 -11.08 13.40
CA VAL B 260 -39.24 -9.99 12.46
C VAL B 260 -39.81 -8.76 13.14
N TYR B 261 -40.84 -8.93 13.99
CA TYR B 261 -41.46 -7.78 14.63
C TYR B 261 -40.60 -7.23 15.76
N GLY B 262 -39.87 -8.08 16.45
CA GLY B 262 -39.05 -7.65 17.58
C GLY B 262 -39.83 -7.62 18.88
N ASP B 263 -39.11 -7.87 19.97
CA ASP B 263 -39.67 -7.88 21.31
C ASP B 263 -39.03 -6.75 22.10
N PHE B 264 -39.83 -5.75 22.47
CA PHE B 264 -39.35 -4.56 23.16
C PHE B 264 -39.74 -4.54 24.64
N SER B 265 -40.10 -5.69 25.21
CA SER B 265 -40.62 -5.73 26.56
C SER B 265 -39.56 -5.89 27.64
N HIS B 266 -38.38 -6.39 27.30
CA HIS B 266 -37.29 -6.56 28.25
C HIS B 266 -36.18 -5.56 27.98
N SER B 267 -35.26 -5.46 28.94
CA SER B 267 -34.14 -4.54 28.80
C SER B 267 -33.31 -4.87 27.56
N GLN B 268 -33.10 -6.15 27.30
CA GLN B 268 -32.43 -6.60 26.09
C GLN B 268 -33.46 -6.74 24.97
N LEU B 269 -33.26 -6.00 23.88
CA LEU B 269 -34.17 -6.07 22.75
C LEU B 269 -34.08 -7.43 22.09
N GLY B 270 -35.23 -8.06 21.85
CA GLY B 270 -35.29 -9.40 21.31
C GLY B 270 -35.63 -9.41 19.83
N GLY B 271 -34.89 -10.23 19.08
CA GLY B 271 -35.19 -10.43 17.68
C GLY B 271 -34.85 -9.21 16.83
N LEU B 272 -35.73 -8.92 15.87
CA LEU B 272 -35.66 -7.75 15.01
C LEU B 272 -34.43 -7.84 14.09
N HIS B 273 -34.49 -8.83 13.20
CA HIS B 273 -33.38 -9.18 12.32
C HIS B 273 -33.68 -8.97 10.83
N LEU B 274 -34.90 -8.56 10.48
CA LEU B 274 -35.24 -8.26 9.09
C LEU B 274 -35.51 -6.77 8.94
N LEU B 275 -34.98 -6.18 7.86
CA LEU B 275 -35.07 -4.73 7.69
C LEU B 275 -36.53 -4.28 7.64
N ILE B 276 -37.40 -5.07 7.02
CA ILE B 276 -38.81 -4.66 6.92
C ILE B 276 -39.44 -4.53 8.29
N GLY B 277 -39.01 -5.35 9.26
CA GLY B 277 -39.51 -5.21 10.61
C GLY B 277 -39.02 -3.94 11.29
N LEU B 278 -37.78 -3.54 11.01
CA LEU B 278 -37.30 -2.26 11.49
C LEU B 278 -38.07 -1.11 10.83
N ALA B 279 -38.36 -1.24 9.53
CA ALA B 279 -39.09 -0.19 8.83
C ALA B 279 -40.49 -0.02 9.41
N LYS B 280 -41.15 -1.12 9.76
CA LYS B 280 -42.48 -1.03 10.36
C LYS B 280 -42.43 -0.37 11.73
N ARG B 281 -41.48 -0.78 12.57
CA ARG B 281 -41.32 -0.17 13.88
C ARG B 281 -40.98 1.31 13.77
N PHE B 282 -40.13 1.66 12.81
CA PHE B 282 -39.63 3.03 12.72
C PHE B 282 -40.75 4.01 12.35
N LYS B 283 -41.68 3.58 11.50
CA LYS B 283 -42.82 4.44 11.18
C LYS B 283 -43.70 4.68 12.38
N GLU B 284 -43.75 3.73 13.31
CA GLU B 284 -44.56 3.85 14.52
C GLU B 284 -43.83 4.59 15.64
N SER B 285 -42.57 4.25 15.89
CA SER B 285 -41.83 4.84 16.98
C SER B 285 -40.34 4.86 16.61
N PRO B 286 -39.66 5.99 16.80
CA PRO B 286 -38.26 6.09 16.35
C PRO B 286 -37.31 5.36 17.29
N PHE B 287 -36.16 5.00 16.73
CA PHE B 287 -35.10 4.37 17.51
C PHE B 287 -33.76 4.75 16.91
N GLU B 288 -32.70 4.51 17.68
CA GLU B 288 -31.33 4.83 17.27
C GLU B 288 -30.65 3.56 16.76
N LEU B 289 -29.99 3.68 15.61
CA LEU B 289 -29.19 2.60 15.03
C LEU B 289 -27.75 3.09 14.92
N GLU B 290 -26.86 2.55 15.75
CA GLU B 290 -25.44 2.87 15.66
C GLU B 290 -24.79 1.87 14.73
N ASP B 291 -24.30 2.38 13.59
CA ASP B 291 -23.63 1.56 12.58
C ASP B 291 -22.13 1.57 12.89
N PHE B 292 -21.74 0.73 13.84
CA PHE B 292 -20.39 0.82 14.39
C PHE B 292 -19.33 0.15 13.51
N ILE B 293 -19.73 -0.56 12.45
CA ILE B 293 -18.81 -0.96 11.39
C ILE B 293 -19.36 -0.41 10.08
N PRO B 294 -19.13 0.87 9.77
CA PRO B 294 -19.78 1.48 8.61
C PRO B 294 -19.17 1.05 7.28
N MET B 295 -19.73 -0.01 6.70
CA MET B 295 -19.29 -0.50 5.40
C MET B 295 -20.46 -1.24 4.75
N ASP B 296 -20.32 -1.50 3.46
CA ASP B 296 -21.34 -2.26 2.73
C ASP B 296 -21.13 -3.74 2.98
N SER B 297 -22.18 -4.42 3.45
N SER B 297 -22.18 -4.42 3.46
CA SER B 297 -22.10 -5.84 3.76
CA SER B 297 -22.07 -5.85 3.70
C SER B 297 -23.47 -6.47 3.61
C SER B 297 -23.46 -6.48 3.66
N THR B 298 -23.49 -7.77 3.31
CA THR B 298 -24.76 -8.48 3.17
C THR B 298 -25.52 -8.51 4.49
N VAL B 299 -24.83 -8.75 5.60
CA VAL B 299 -25.41 -8.66 6.94
C VAL B 299 -24.82 -7.45 7.63
N LYS B 300 -25.67 -6.67 8.30
CA LYS B 300 -25.25 -5.49 9.05
C LYS B 300 -25.48 -5.72 10.54
N ASN B 301 -24.57 -5.20 11.36
CA ASN B 301 -24.70 -5.24 12.81
C ASN B 301 -24.91 -3.83 13.33
N TYR B 302 -25.93 -3.65 14.16
CA TYR B 302 -26.25 -2.34 14.72
C TYR B 302 -26.37 -2.43 16.24
N PHE B 303 -25.94 -1.37 16.92
CA PHE B 303 -26.24 -1.13 18.33
C PHE B 303 -27.53 -0.33 18.34
N ILE B 304 -28.64 -0.98 18.72
CA ILE B 304 -29.97 -0.38 18.59
C ILE B 304 -30.47 0.01 19.97
N THR B 305 -31.08 1.18 20.06
CA THR B 305 -31.71 1.69 21.28
C THR B 305 -33.10 2.19 20.93
N ASP B 306 -34.12 1.55 21.48
CA ASP B 306 -35.50 1.96 21.21
C ASP B 306 -35.87 3.15 22.08
N ALA B 307 -36.31 4.25 21.44
CA ALA B 307 -36.51 5.49 22.18
C ALA B 307 -37.76 5.45 23.05
N GLN B 308 -38.77 4.67 22.65
CA GLN B 308 -40.02 4.64 23.41
C GLN B 308 -39.87 3.84 24.70
N THR B 309 -39.27 2.65 24.61
CA THR B 309 -39.24 1.72 25.72
C THR B 309 -37.91 1.70 26.47
N GLY B 310 -36.80 2.06 25.82
CA GLY B 310 -35.50 1.87 26.40
C GLY B 310 -34.91 0.49 26.20
N SER B 311 -35.62 -0.39 25.48
CA SER B 311 -35.05 -1.68 25.11
C SER B 311 -33.89 -1.46 24.14
N SER B 312 -32.81 -2.22 24.33
CA SER B 312 -31.62 -2.01 23.52
C SER B 312 -30.87 -3.34 23.35
N LYS B 313 -29.95 -3.35 22.38
CA LYS B 313 -29.13 -4.52 22.10
C LYS B 313 -27.86 -4.06 21.41
N CYS B 314 -26.70 -4.50 21.93
CA CYS B 314 -25.41 -4.02 21.43
C CYS B 314 -25.14 -4.51 20.02
N VAL B 315 -25.46 -5.76 19.73
CA VAL B 315 -25.19 -6.36 18.44
C VAL B 315 -26.51 -6.93 17.92
N CYS B 316 -27.18 -6.18 17.05
CA CYS B 316 -28.41 -6.63 16.42
C CYS B 316 -28.12 -6.82 14.95
N SER B 317 -28.06 -8.08 14.51
CA SER B 317 -27.78 -8.38 13.11
C SER B 317 -29.04 -8.20 12.29
N VAL B 318 -28.91 -7.51 11.16
CA VAL B 318 -30.04 -7.15 10.31
C VAL B 318 -29.68 -7.50 8.87
N ILE B 319 -30.62 -8.14 8.17
CA ILE B 319 -30.47 -8.43 6.75
C ILE B 319 -31.74 -7.98 6.04
N ASP B 320 -31.59 -7.45 4.83
CA ASP B 320 -32.74 -6.99 4.04
C ASP B 320 -33.01 -8.03 2.95
N LEU B 321 -33.70 -9.09 3.34
CA LEU B 321 -34.21 -10.06 2.39
C LEU B 321 -35.66 -9.72 2.05
N LEU B 322 -36.05 -10.01 0.83
CA LEU B 322 -37.46 -10.04 0.50
C LEU B 322 -38.18 -10.96 1.48
N LEU B 323 -39.25 -10.46 2.08
CA LEU B 323 -39.91 -11.23 3.13
C LEU B 323 -40.34 -12.62 2.62
N ASP B 324 -40.72 -12.71 1.35
CA ASP B 324 -41.05 -14.02 0.77
C ASP B 324 -39.84 -14.95 0.81
N ASP B 325 -38.65 -14.42 0.54
CA ASP B 325 -37.44 -15.25 0.58
C ASP B 325 -37.15 -15.73 2.00
N PHE B 326 -37.27 -14.84 2.99
CA PHE B 326 -37.02 -15.23 4.38
C PHE B 326 -38.03 -16.28 4.83
N VAL B 327 -39.30 -16.13 4.45
CA VAL B 327 -40.30 -17.13 4.80
C VAL B 327 -39.96 -18.47 4.15
N GLU B 328 -39.52 -18.44 2.89
CA GLU B 328 -39.11 -19.68 2.23
C GLU B 328 -37.94 -20.32 2.95
N ILE B 329 -37.00 -19.51 3.43
CA ILE B 329 -35.81 -20.05 4.08
C ILE B 329 -36.16 -20.71 5.41
N ILE B 330 -36.92 -20.02 6.25
CA ILE B 330 -37.15 -20.52 7.60
C ILE B 330 -38.13 -21.68 7.60
N LYS B 331 -39.09 -21.71 6.67
CA LYS B 331 -40.02 -22.84 6.61
C LYS B 331 -39.35 -24.12 6.13
N SER B 332 -38.24 -24.01 5.41
CA SER B 332 -37.49 -25.18 4.95
C SER B 332 -36.64 -25.80 6.04
N GLN B 333 -36.68 -25.28 7.26
CA GLN B 333 -35.76 -25.70 8.32
C GLN B 333 -36.33 -26.86 9.12
N ASP B 334 -35.42 -27.68 9.64
CA ASP B 334 -35.76 -28.77 10.54
C ASP B 334 -35.77 -28.22 11.97
N LEU B 335 -36.92 -28.35 12.64
CA LEU B 335 -37.14 -27.75 13.95
C LEU B 335 -37.00 -28.76 15.09
N SER B 336 -36.19 -29.80 14.92
CA SER B 336 -36.07 -30.86 15.91
C SER B 336 -34.79 -30.79 16.72
N VAL B 337 -33.98 -29.74 16.54
CA VAL B 337 -32.73 -29.58 17.26
C VAL B 337 -32.79 -28.29 18.06
N VAL B 338 -32.18 -28.31 19.25
CA VAL B 338 -32.19 -27.13 20.12
C VAL B 338 -31.46 -25.96 19.44
N SER B 339 -30.29 -26.24 18.87
CA SER B 339 -29.51 -25.19 18.22
C SER B 339 -28.64 -25.81 17.14
N LYS B 340 -28.58 -25.14 15.99
CA LYS B 340 -27.72 -25.56 14.90
C LYS B 340 -27.45 -24.37 13.99
N VAL B 341 -26.36 -24.46 13.24
CA VAL B 341 -25.99 -23.44 12.27
C VAL B 341 -26.55 -23.82 10.90
N VAL B 342 -27.20 -22.87 10.25
CA VAL B 342 -27.81 -23.08 8.93
C VAL B 342 -27.11 -22.18 7.94
N LYS B 343 -26.65 -22.76 6.83
CA LYS B 343 -25.93 -22.04 5.79
C LYS B 343 -26.87 -21.70 4.64
N VAL B 344 -26.93 -20.42 4.28
CA VAL B 344 -27.75 -19.95 3.18
C VAL B 344 -26.89 -19.08 2.28
N THR B 345 -26.92 -19.36 0.97
CA THR B 345 -26.17 -18.56 0.01
C THR B 345 -26.95 -17.29 -0.29
N ILE B 346 -26.36 -16.14 0.04
CA ILE B 346 -26.98 -14.84 -0.17
C ILE B 346 -25.91 -13.90 -0.71
N ASP B 347 -26.23 -13.18 -1.78
CA ASP B 347 -25.29 -12.27 -2.43
C ASP B 347 -23.99 -13.00 -2.80
N TYR B 348 -24.13 -14.27 -3.20
CA TYR B 348 -23.07 -15.17 -3.64
C TYR B 348 -22.18 -15.67 -2.50
N THR B 349 -22.43 -15.27 -1.25
CA THR B 349 -21.62 -15.73 -0.14
C THR B 349 -22.45 -16.61 0.79
N GLU B 350 -21.75 -17.41 1.58
N GLU B 350 -21.75 -17.41 1.58
CA GLU B 350 -22.39 -18.33 2.52
CA GLU B 350 -22.39 -18.33 2.52
C GLU B 350 -22.64 -17.60 3.83
C GLU B 350 -22.64 -17.59 3.83
N ILE B 351 -23.91 -17.30 4.11
CA ILE B 351 -24.31 -16.62 5.33
C ILE B 351 -24.75 -17.67 6.34
N SER B 352 -24.14 -17.67 7.52
CA SER B 352 -24.51 -18.58 8.59
C SER B 352 -25.63 -17.98 9.41
N PHE B 353 -26.68 -18.76 9.62
CA PHE B 353 -27.79 -18.41 10.50
C PHE B 353 -27.76 -19.29 11.73
N MET B 354 -28.05 -18.72 12.89
CA MET B 354 -28.24 -19.49 14.11
C MET B 354 -29.73 -19.78 14.28
N LEU B 355 -30.07 -21.05 14.43
CA LEU B 355 -31.45 -21.49 14.60
C LEU B 355 -31.62 -22.08 15.99
N TRP B 356 -32.43 -21.41 16.82
CA TRP B 356 -32.77 -21.90 18.15
C TRP B 356 -34.21 -22.40 18.12
N CYS B 357 -34.42 -23.64 18.56
CA CYS B 357 -35.73 -24.25 18.58
C CYS B 357 -36.02 -24.84 19.95
N LYS B 358 -37.30 -25.07 20.21
CA LYS B 358 -37.74 -25.72 21.45
C LYS B 358 -39.10 -26.34 21.19
N ASP B 359 -39.21 -27.64 21.44
CA ASP B 359 -40.48 -28.38 21.33
C ASP B 359 -41.08 -28.27 19.92
N GLY B 360 -40.21 -28.31 18.91
CA GLY B 360 -40.66 -28.33 17.53
C GLY B 360 -41.10 -26.99 16.98
N HIS B 361 -40.87 -25.89 17.69
CA HIS B 361 -41.16 -24.57 17.17
C HIS B 361 -39.91 -23.69 17.30
N VAL B 362 -39.87 -22.65 16.49
CA VAL B 362 -38.70 -21.76 16.44
C VAL B 362 -38.70 -20.86 17.66
N GLU B 363 -37.53 -20.71 18.28
CA GLU B 363 -37.33 -19.68 19.28
C GLU B 363 -36.80 -18.39 18.64
N THR B 364 -35.66 -18.48 17.95
CA THR B 364 -35.14 -17.36 17.19
C THR B 364 -34.33 -17.88 16.02
N PHE B 365 -34.03 -16.99 15.08
CA PHE B 365 -33.35 -17.34 13.85
C PHE B 365 -32.74 -16.05 13.31
N TYR B 366 -31.41 -15.94 13.37
CA TYR B 366 -30.75 -14.68 13.03
C TYR B 366 -29.48 -14.93 12.25
N PRO B 367 -29.12 -14.02 11.35
CA PRO B 367 -27.87 -14.15 10.61
C PRO B 367 -26.69 -13.67 11.43
N LYS B 368 -25.50 -14.11 11.03
CA LYS B 368 -24.26 -13.75 11.69
C LYS B 368 -23.35 -12.99 10.72
N LEU B 369 -22.60 -12.04 11.25
CA LEU B 369 -21.67 -11.27 10.45
C LEU B 369 -20.23 -11.75 10.64
#